data_4M1K
#
_entry.id   4M1K
#
_cell.length_a   75.989
_cell.length_b   86.767
_cell.length_c   123.118
_cell.angle_alpha   90.00
_cell.angle_beta   90.00
_cell.angle_gamma   90.00
#
_symmetry.space_group_name_H-M   'P 21 21 21'
#
loop_
_entity.id
_entity.type
_entity.pdbx_description
1 polymer 'Elongation factor G'
2 non-polymer 'MAGNESIUM ION'
3 non-polymer "GUANOSINE-5'-DIPHOSPHATE"
#
_entity_poly.entity_id   1
_entity_poly.type   'polypeptide(L)'
_entity_poly.pdbx_seq_one_letter_code
;MAVKVEYDLKRLRNIGIAAHIDAGKTTTTERILYYTGRIHKIGEVHEGAATMDFMEQERERGITITAAVTTCFWKDHRIN
IIDTPGHVDFTIEVERSMRVLDGAIVVFDSSQGVEPQSETVWRQAEKYKVPRIAFANKMDKTGADLWLVIRTMQERLGAR
PVVMQLPIGREDTFSGIIDVLRMKAYTYGNDLGTDIREIPIPEEYLDQAREYHEKLVEVAADFDENIMLKYLEGEEPTEE
ELVAAIRKGTIDLKITPVFLGSALKNKGVQLLLDAVVDYLPSPLDIPPIKGTTPEGEVVEIHPDPNGPLAALAFKIMADP
YVGRLTFIRVYSGTLTSGSYVYNTTKGRKERVARLLRMHANHREEVEELKAGDLGAVVGLKETITGDTLVGEDAPRVILE
SIEVPEPVIDVAIEPKTKADQEKLSQALARLAEEDPTFRVSTHPETGQTIISGMGELHLEIIVDRLKREFKVDANVGKPQ
VAYRETITKPVDVEGKFIRLTGGRGQYGHVKIKVEPLPRGSGFEFVNAIVGGVIPKEYIPAVQKGIEEAMQSGPLIGFPV
VDIKVTLYDGSYHEVDSSEMAFKIAGSMAIKEAVQKGDPVILEPIMRVEVTTPEEYMGDVIGDLNARRGQILGMEPRGNA
QVIRAFVPLAEMFGYATDLRSKTQGRGSFVMFFDHYQEVPKQVQEKLIKGQ
;
_entity_poly.pdbx_strand_id   A
#
loop_
_chem_comp.id
_chem_comp.type
_chem_comp.name
_chem_comp.formula
GDP RNA linking GUANOSINE-5'-DIPHOSPHATE 'C10 H15 N5 O11 P2'
MG non-polymer 'MAGNESIUM ION' 'Mg 2'
#
# COMPACT_ATOMS: atom_id res chain seq x y z
N GLU A 6 -0.42 -4.30 34.37
CA GLU A 6 -0.57 -3.13 33.50
C GLU A 6 -0.65 -3.54 32.02
N TYR A 7 -0.04 -4.66 31.68
CA TYR A 7 -0.14 -5.21 30.34
C TYR A 7 -1.11 -6.39 30.33
N ASP A 8 -2.17 -6.27 29.52
CA ASP A 8 -3.08 -7.39 29.29
C ASP A 8 -3.52 -7.35 27.84
N LEU A 9 -3.29 -8.45 27.12
CA LEU A 9 -3.64 -8.52 25.71
C LEU A 9 -5.10 -8.22 25.52
N LYS A 10 -5.91 -8.71 26.45
CA LYS A 10 -7.35 -8.57 26.36
C LYS A 10 -7.71 -7.08 26.26
N ARG A 11 -6.83 -6.22 26.77
CA ARG A 11 -7.16 -4.81 26.89
C ARG A 11 -6.49 -3.87 25.88
N LEU A 12 -5.68 -4.46 25.00
CA LEU A 12 -5.21 -3.78 23.80
C LEU A 12 -6.36 -3.61 22.83
N ARG A 13 -6.41 -2.44 22.19
CA ARG A 13 -7.36 -2.22 21.12
C ARG A 13 -6.64 -1.53 19.94
N ASN A 14 -6.09 -2.34 19.03
CA ASN A 14 -5.31 -1.79 17.90
C ASN A 14 -6.22 -1.49 16.74
N ILE A 15 -6.49 -0.21 16.53
CA ILE A 15 -7.43 0.18 15.52
C ILE A 15 -6.77 1.06 14.48
N GLY A 16 -7.51 1.36 13.43
CA GLY A 16 -7.18 2.44 12.52
C GLY A 16 -8.50 3.08 12.16
N ILE A 17 -8.44 4.30 11.65
CA ILE A 17 -9.65 5.02 11.28
C ILE A 17 -9.81 5.17 9.77
N ALA A 18 -10.65 4.32 9.19
CA ALA A 18 -10.91 4.31 7.75
C ALA A 18 -11.86 5.43 7.37
N ALA A 19 -11.43 6.30 6.47
CA ALA A 19 -12.31 7.39 6.11
C ALA A 19 -11.98 8.04 4.80
N HIS A 20 -12.89 7.84 3.87
CA HIS A 20 -13.25 8.81 2.87
C HIS A 20 -12.58 10.15 3.14
N ILE A 21 -12.07 10.77 2.07
CA ILE A 21 -11.72 12.18 2.11
C ILE A 21 -12.86 12.95 2.77
N ASP A 22 -12.54 13.96 3.57
CA ASP A 22 -13.55 14.90 4.02
C ASP A 22 -14.59 14.31 4.95
N ALA A 23 -14.67 12.98 5.01
CA ALA A 23 -15.61 12.31 5.90
C ALA A 23 -15.36 12.76 7.34
N GLY A 24 -14.10 13.13 7.63
CA GLY A 24 -13.70 13.62 8.94
C GLY A 24 -12.63 12.80 9.64
N LYS A 25 -11.93 11.94 8.89
CA LYS A 25 -10.89 11.08 9.45
C LYS A 25 -9.93 11.79 10.40
N THR A 26 -9.38 12.90 9.94
CA THR A 26 -8.35 13.59 10.69
C THR A 26 -8.95 14.19 11.95
N THR A 27 -10.15 14.74 11.83
CA THR A 27 -10.79 15.45 12.95
C THR A 27 -11.29 14.49 14.02
N THR A 28 -11.77 13.34 13.56
CA THR A 28 -12.16 12.28 14.45
C THR A 28 -10.94 11.82 15.24
N THR A 29 -9.86 11.54 14.51
CA THR A 29 -8.62 11.05 15.11
C THR A 29 -8.11 12.04 16.14
N GLU A 30 -8.08 13.32 15.75
CA GLU A 30 -7.54 14.35 16.63
C GLU A 30 -8.37 14.45 17.91
N ARG A 31 -9.68 14.33 17.79
CA ARG A 31 -10.54 14.50 18.94
C ARG A 31 -10.45 13.28 19.84
N ILE A 32 -10.18 12.14 19.21
CA ILE A 32 -9.93 10.91 19.95
C ILE A 32 -8.67 11.02 20.81
N LEU A 33 -7.62 11.60 20.25
CA LEU A 33 -6.41 11.94 21.00
C LEU A 33 -6.64 12.97 22.10
N TYR A 34 -7.54 13.93 21.85
CA TYR A 34 -7.85 14.95 22.85
C TYR A 34 -8.47 14.35 24.09
N TYR A 35 -9.57 13.62 23.89
CA TYR A 35 -10.34 13.00 24.96
C TYR A 35 -9.57 11.97 25.79
N THR A 36 -8.75 11.17 25.11
CA THR A 36 -7.90 10.15 25.75
C THR A 36 -6.68 10.73 26.45
N GLY A 37 -6.58 12.05 26.45
CA GLY A 37 -5.34 12.70 26.82
C GLY A 37 -5.49 13.60 28.01
N ARG A 38 -6.70 13.64 28.57
CA ARG A 38 -7.01 14.28 29.85
C ARG A 38 -6.72 13.29 31.01
N ILE A 39 -5.44 12.97 31.17
CA ILE A 39 -4.95 11.97 32.13
C ILE A 39 -4.22 12.63 33.30
N ALA A 67 2.57 10.49 13.06
CA ALA A 67 3.26 9.35 13.69
C ALA A 67 2.56 8.02 13.41
N ALA A 68 3.30 7.12 12.76
CA ALA A 68 2.76 5.85 12.21
C ALA A 68 1.82 5.08 13.14
N VAL A 69 2.15 5.05 14.42
CA VAL A 69 1.22 4.60 15.43
C VAL A 69 1.27 5.52 16.64
N THR A 70 0.11 5.98 17.07
CA THR A 70 0.00 6.83 18.22
C THR A 70 -0.78 6.06 19.26
N THR A 71 -0.26 6.01 20.48
CA THR A 71 -0.90 5.26 21.55
C THR A 71 -1.65 6.22 22.46
N CYS A 72 -2.65 5.71 23.17
CA CYS A 72 -3.44 6.52 24.10
C CYS A 72 -4.17 5.62 25.11
N PHE A 73 -5.00 6.20 25.97
CA PHE A 73 -5.73 5.38 26.95
C PHE A 73 -7.23 5.66 27.13
N TRP A 74 -8.01 4.58 27.26
CA TRP A 74 -9.43 4.73 27.56
C TRP A 74 -9.94 3.68 28.55
N LYS A 75 -10.44 4.17 29.70
CA LYS A 75 -10.98 3.32 30.76
C LYS A 75 -10.19 2.02 30.83
N ASP A 76 -8.89 2.15 31.06
CA ASP A 76 -8.05 1.00 31.34
C ASP A 76 -7.80 0.12 30.13
N HIS A 77 -8.00 0.68 28.94
CA HIS A 77 -7.60 0.01 27.70
C HIS A 77 -6.55 0.86 27.01
N ARG A 78 -5.59 0.19 26.39
CA ARG A 78 -4.63 0.88 25.55
C ARG A 78 -5.13 0.85 24.12
N ILE A 79 -5.35 2.02 23.55
CA ILE A 79 -5.72 2.07 22.14
C ILE A 79 -4.52 2.51 21.31
N ASN A 80 -4.13 1.65 20.38
CA ASN A 80 -3.06 1.99 19.47
C ASN A 80 -3.66 2.41 18.15
N ILE A 81 -3.51 3.69 17.82
CA ILE A 81 -4.06 4.20 16.58
C ILE A 81 -3.08 4.16 15.43
N ILE A 82 -3.29 3.17 14.57
CA ILE A 82 -2.53 3.00 13.35
C ILE A 82 -2.98 4.06 12.35
N ASP A 83 -2.00 4.84 11.88
CA ASP A 83 -2.27 5.80 10.83
C ASP A 83 -2.41 5.05 9.50
N THR A 84 -3.63 5.09 8.96
CA THR A 84 -3.91 4.55 7.64
C THR A 84 -3.63 5.62 6.59
N PRO A 85 -3.22 5.20 5.39
CA PRO A 85 -3.04 6.02 4.19
C PRO A 85 -4.13 7.11 3.97
N GLY A 86 -3.71 8.27 3.48
CA GLY A 86 -4.57 9.44 3.33
C GLY A 86 -5.42 9.50 2.07
N HIS A 87 -5.19 8.57 1.15
CA HIS A 87 -6.17 8.23 0.13
C HIS A 87 -6.04 6.74 -0.24
N VAL A 88 -7.17 6.15 -0.60
CA VAL A 88 -7.32 4.70 -0.63
C VAL A 88 -6.38 3.90 -1.56
N ASP A 89 -5.94 4.52 -2.65
CA ASP A 89 -5.29 3.79 -3.75
C ASP A 89 -3.86 3.31 -3.50
N PHE A 90 -3.31 3.67 -2.34
CA PHE A 90 -1.87 3.51 -2.05
C PHE A 90 -1.47 2.04 -1.86
N THR A 91 -2.27 1.16 -2.46
CA THR A 91 -2.35 -0.29 -2.23
C THR A 91 -1.32 -1.04 -1.36
N ILE A 92 -0.04 -0.70 -1.50
CA ILE A 92 0.97 -1.37 -0.69
C ILE A 92 0.87 -0.95 0.79
N GLU A 93 0.97 0.35 1.04
CA GLU A 93 0.77 0.93 2.36
C GLU A 93 -0.49 0.41 2.99
N VAL A 94 -1.52 0.27 2.16
CA VAL A 94 -2.80 -0.22 2.61
C VAL A 94 -2.60 -1.60 3.22
N GLU A 95 -2.19 -2.55 2.38
CA GLU A 95 -1.98 -3.93 2.84
C GLU A 95 -1.17 -3.95 4.14
N ARG A 96 -0.12 -3.13 4.19
CA ARG A 96 0.80 -3.06 5.33
C ARG A 96 0.14 -2.55 6.59
N SER A 97 -0.76 -1.58 6.47
CA SER A 97 -1.45 -1.02 7.64
C SER A 97 -2.63 -1.88 8.11
N MET A 98 -3.46 -2.36 7.18
CA MET A 98 -4.56 -3.25 7.53
C MET A 98 -4.06 -4.51 8.25
N ARG A 99 -2.85 -4.91 7.89
CA ARG A 99 -2.25 -6.11 8.45
C ARG A 99 -1.88 -5.92 9.92
N VAL A 100 -1.69 -4.65 10.28
CA VAL A 100 -1.06 -4.34 11.54
C VAL A 100 -2.07 -3.83 12.55
N LEU A 101 -3.15 -3.22 12.04
CA LEU A 101 -4.30 -2.95 12.88
C LEU A 101 -5.19 -4.19 12.97
N ASP A 102 -6.06 -4.19 13.96
CA ASP A 102 -6.88 -5.34 14.27
C ASP A 102 -8.35 -5.06 13.94
N GLY A 103 -8.84 -3.94 14.45
CA GLY A 103 -10.20 -3.51 14.20
C GLY A 103 -10.14 -2.15 13.56
N ALA A 104 -11.30 -1.54 13.34
CA ALA A 104 -11.34 -0.30 12.61
C ALA A 104 -12.63 0.45 12.87
N ILE A 105 -12.55 1.77 12.77
CA ILE A 105 -13.73 2.60 12.70
C ILE A 105 -13.86 3.09 11.28
N VAL A 106 -14.99 2.81 10.66
CA VAL A 106 -15.33 3.42 9.39
C VAL A 106 -16.16 4.68 9.61
N VAL A 107 -15.73 5.78 9.00
CA VAL A 107 -16.42 7.04 9.18
C VAL A 107 -17.20 7.46 7.95
N PHE A 108 -18.44 7.87 8.18
CA PHE A 108 -19.33 8.31 7.11
C PHE A 108 -19.74 9.77 7.30
N ASP A 109 -19.88 10.47 6.18
CA ASP A 109 -20.42 11.82 6.20
C ASP A 109 -21.92 11.64 6.15
N SER A 110 -22.62 12.01 7.20
CA SER A 110 -24.06 11.72 7.27
C SER A 110 -24.92 12.78 6.56
N SER A 111 -24.28 13.65 5.78
CA SER A 111 -24.99 14.50 4.83
C SER A 111 -25.22 13.72 3.52
N GLN A 112 -24.20 12.97 3.07
CA GLN A 112 -24.31 12.16 1.85
C GLN A 112 -24.79 10.75 2.15
N GLY A 113 -24.61 10.34 3.41
CA GLY A 113 -24.69 8.93 3.77
C GLY A 113 -23.40 8.24 3.36
N VAL A 114 -23.50 7.02 2.85
CA VAL A 114 -22.35 6.45 2.17
C VAL A 114 -22.20 7.06 0.77
N GLU A 115 -21.00 7.55 0.53
CA GLU A 115 -20.66 8.20 -0.71
C GLU A 115 -20.23 7.12 -1.67
N PRO A 116 -19.81 7.52 -2.88
CA PRO A 116 -18.92 6.68 -3.67
C PRO A 116 -17.63 6.43 -2.90
N GLN A 117 -17.00 7.49 -2.40
CA GLN A 117 -15.73 7.33 -1.69
C GLN A 117 -15.83 6.50 -0.39
N SER A 118 -16.93 6.65 0.33
CA SER A 118 -17.11 5.87 1.55
C SER A 118 -17.22 4.38 1.23
N GLU A 119 -17.79 4.07 0.07
CA GLU A 119 -17.93 2.69 -0.39
C GLU A 119 -16.59 2.00 -0.62
N THR A 120 -15.66 2.73 -1.23
CA THR A 120 -14.31 2.25 -1.51
C THR A 120 -13.53 1.87 -0.24
N VAL A 121 -13.70 2.66 0.83
CA VAL A 121 -12.97 2.43 2.08
C VAL A 121 -13.61 1.33 2.92
N TRP A 122 -14.88 1.05 2.66
CA TRP A 122 -15.55 -0.09 3.27
C TRP A 122 -15.03 -1.39 2.67
N ARG A 123 -14.98 -1.43 1.33
CA ARG A 123 -14.53 -2.61 0.61
C ARG A 123 -13.16 -3.06 1.07
N GLN A 124 -12.29 -2.09 1.38
CA GLN A 124 -10.97 -2.38 1.96
C GLN A 124 -11.07 -3.10 3.29
N ALA A 125 -11.94 -2.61 4.16
CA ALA A 125 -12.22 -3.29 5.43
C ALA A 125 -12.74 -4.68 5.16
N GLU A 126 -13.70 -4.77 4.23
CA GLU A 126 -14.29 -6.04 3.84
C GLU A 126 -13.22 -6.97 3.28
N LYS A 127 -12.39 -6.40 2.41
CA LYS A 127 -11.33 -7.12 1.71
C LYS A 127 -10.35 -7.79 2.65
N TYR A 128 -9.97 -7.06 3.69
CA TYR A 128 -8.92 -7.49 4.61
C TYR A 128 -9.49 -8.05 5.89
N LYS A 129 -10.80 -8.31 5.87
CA LYS A 129 -11.50 -9.00 6.97
C LYS A 129 -11.41 -8.33 8.35
N VAL A 130 -11.21 -7.02 8.38
CA VAL A 130 -10.98 -6.36 9.65
C VAL A 130 -12.30 -5.92 10.29
N PRO A 131 -12.63 -6.50 11.46
CA PRO A 131 -13.84 -6.17 12.21
C PRO A 131 -14.01 -4.67 12.34
N ARG A 132 -15.22 -4.17 12.18
CA ARG A 132 -15.41 -2.73 12.08
C ARG A 132 -16.66 -2.26 12.80
N ILE A 133 -16.68 -0.98 13.13
CA ILE A 133 -17.88 -0.26 13.55
C ILE A 133 -17.93 1.05 12.78
N ALA A 134 -19.15 1.54 12.58
CA ALA A 134 -19.36 2.76 11.81
C ALA A 134 -19.51 3.98 12.71
N PHE A 135 -19.19 5.13 12.16
CA PHE A 135 -19.42 6.41 12.84
C PHE A 135 -20.09 7.36 11.86
N ALA A 136 -21.35 7.67 12.13
CA ALA A 136 -22.07 8.69 11.38
C ALA A 136 -21.64 10.08 11.81
N ASN A 137 -20.62 10.61 11.13
CA ASN A 137 -20.05 11.87 11.55
C ASN A 137 -20.83 13.05 10.99
N LYS A 138 -20.37 14.25 11.29
CA LYS A 138 -20.98 15.47 10.78
C LYS A 138 -22.50 15.54 10.98
N MET A 139 -22.98 15.21 12.18
CA MET A 139 -24.43 15.24 12.52
C MET A 139 -25.02 16.64 12.74
N ASP A 140 -24.14 17.61 12.97
CA ASP A 140 -24.53 19.02 13.10
C ASP A 140 -24.72 19.67 11.74
N LYS A 141 -24.21 19.02 10.69
CA LYS A 141 -24.15 19.57 9.32
C LYS A 141 -25.49 19.43 8.64
N THR A 142 -25.89 20.45 7.89
CA THR A 142 -27.21 20.42 7.26
C THR A 142 -27.27 19.28 6.24
N GLY A 143 -28.34 18.48 6.31
CA GLY A 143 -28.44 17.25 5.55
C GLY A 143 -28.06 16.05 6.40
N ALA A 144 -27.80 16.28 7.68
CA ALA A 144 -27.48 15.21 8.62
C ALA A 144 -28.62 14.22 8.67
N ASP A 145 -28.40 13.02 8.13
CA ASP A 145 -29.44 11.98 8.16
C ASP A 145 -28.86 10.63 8.56
N LEU A 146 -29.13 10.23 9.80
CA LEU A 146 -28.70 8.92 10.29
C LEU A 146 -29.21 7.80 9.40
N TRP A 147 -30.45 7.92 8.94
CA TRP A 147 -31.13 6.81 8.30
C TRP A 147 -30.76 6.79 6.82
N LEU A 148 -30.45 7.95 6.29
CA LEU A 148 -29.82 8.00 4.98
C LEU A 148 -28.59 7.11 5.03
N VAL A 149 -27.87 7.15 6.14
CA VAL A 149 -26.68 6.34 6.27
C VAL A 149 -27.01 4.87 6.42
N ILE A 150 -27.76 4.53 7.46
CA ILE A 150 -28.06 3.14 7.79
C ILE A 150 -28.56 2.35 6.58
N ARG A 151 -29.47 2.97 5.84
CA ARG A 151 -30.05 2.37 4.65
C ARG A 151 -29.02 2.09 3.52
N THR A 152 -28.26 3.10 3.13
CA THR A 152 -27.19 2.94 2.14
C THR A 152 -26.21 1.84 2.53
N MET A 153 -25.99 1.68 3.83
CA MET A 153 -25.14 0.62 4.33
C MET A 153 -25.74 -0.74 4.03
N GLN A 154 -27.01 -0.95 4.32
CA GLN A 154 -27.63 -2.24 3.99
C GLN A 154 -27.74 -2.37 2.48
N GLU A 155 -28.24 -1.31 1.85
CA GLU A 155 -28.61 -1.28 0.44
C GLU A 155 -27.43 -1.48 -0.51
N ARG A 156 -26.42 -0.62 -0.36
CA ARG A 156 -25.30 -0.59 -1.29
C ARG A 156 -24.14 -1.50 -0.86
N LEU A 157 -23.93 -1.61 0.44
CA LEU A 157 -22.81 -2.40 0.92
C LEU A 157 -23.20 -3.81 1.44
N GLY A 158 -24.49 -4.09 1.52
CA GLY A 158 -24.99 -5.28 2.18
C GLY A 158 -24.35 -5.51 3.55
N ALA A 159 -24.67 -4.65 4.51
CA ALA A 159 -23.82 -4.46 5.70
C ALA A 159 -24.36 -4.96 7.04
N ARG A 160 -25.68 -5.13 7.13
CA ARG A 160 -26.32 -5.45 8.39
C ARG A 160 -25.86 -4.49 9.51
N PRO A 161 -26.16 -3.19 9.34
CA PRO A 161 -25.87 -2.20 10.38
C PRO A 161 -26.83 -2.45 11.53
N VAL A 162 -26.41 -2.06 12.74
CA VAL A 162 -27.28 -2.19 13.90
C VAL A 162 -27.31 -0.85 14.64
N VAL A 163 -28.53 -0.35 14.84
CA VAL A 163 -28.77 0.93 15.47
C VAL A 163 -28.37 0.85 16.96
N MET A 164 -27.14 1.28 17.25
CA MET A 164 -26.63 1.29 18.62
C MET A 164 -27.00 2.58 19.39
N GLN A 165 -27.55 3.55 18.65
CA GLN A 165 -27.67 4.92 19.12
C GLN A 165 -28.75 5.66 18.35
N LEU A 166 -29.38 6.62 19.05
CA LEU A 166 -30.38 7.52 18.50
C LEU A 166 -29.94 8.97 18.74
N PRO A 167 -30.21 9.87 17.78
CA PRO A 167 -29.83 11.28 17.96
C PRO A 167 -30.94 12.15 18.53
N ILE A 168 -30.58 13.08 19.41
CA ILE A 168 -31.54 14.04 19.93
C ILE A 168 -31.23 15.39 19.31
N GLY A 169 -32.21 15.97 18.62
CA GLY A 169 -31.97 17.14 17.80
C GLY A 169 -31.78 16.72 16.35
N ARG A 170 -31.69 17.67 15.46
CA ARG A 170 -31.66 17.35 14.04
C ARG A 170 -30.36 17.75 13.37
N GLU A 171 -30.23 19.05 13.10
CA GLU A 171 -29.03 19.56 12.45
C GLU A 171 -28.35 20.51 13.43
N ASP A 172 -28.64 21.80 13.33
CA ASP A 172 -28.16 22.78 14.30
C ASP A 172 -28.75 22.55 15.70
N THR A 173 -29.65 21.58 15.83
CA THR A 173 -30.35 21.34 17.08
C THR A 173 -29.90 20.03 17.66
N PHE A 174 -29.10 19.29 16.90
CA PHE A 174 -28.49 18.07 17.37
C PHE A 174 -27.81 18.32 18.72
N SER A 175 -28.47 17.87 19.78
CA SER A 175 -28.23 18.28 21.18
C SER A 175 -27.53 17.21 21.99
N GLY A 176 -27.62 15.97 21.53
CA GLY A 176 -27.26 14.84 22.35
C GLY A 176 -27.53 13.52 21.66
N ILE A 177 -27.44 12.46 22.43
CA ILE A 177 -27.38 11.11 21.89
C ILE A 177 -27.96 10.11 22.89
N ILE A 178 -28.82 9.21 22.38
CA ILE A 178 -29.38 8.13 23.18
C ILE A 178 -28.65 6.80 22.94
N ASP A 179 -28.44 6.05 24.02
CA ASP A 179 -27.88 4.71 23.92
C ASP A 179 -29.00 3.69 24.16
N VAL A 180 -29.34 2.95 23.12
CA VAL A 180 -30.49 2.07 23.14
C VAL A 180 -30.13 0.69 23.68
N LEU A 181 -28.88 0.54 24.11
CA LEU A 181 -28.43 -0.70 24.70
C LEU A 181 -28.71 -0.59 26.20
N ARG A 182 -28.33 0.55 26.76
CA ARG A 182 -28.42 0.75 28.19
C ARG A 182 -29.62 1.61 28.51
N MET A 183 -30.27 2.08 27.46
CA MET A 183 -31.41 2.99 27.60
C MET A 183 -31.09 4.14 28.54
N LYS A 184 -29.96 4.80 28.27
CA LYS A 184 -29.63 6.07 28.90
C LYS A 184 -29.29 7.07 27.79
N ALA A 185 -29.44 8.36 28.08
CA ALA A 185 -29.22 9.39 27.08
C ALA A 185 -28.14 10.39 27.54
N TYR A 186 -27.53 11.10 26.58
CA TYR A 186 -26.48 12.05 26.92
C TYR A 186 -26.78 13.38 26.22
N THR A 187 -26.52 14.48 26.90
CA THR A 187 -26.69 15.80 26.29
C THR A 187 -25.43 16.65 26.38
N TYR A 188 -25.16 17.39 25.31
CA TYR A 188 -23.94 18.17 25.17
C TYR A 188 -24.22 19.69 25.19
N GLY A 189 -23.79 20.33 26.27
CA GLY A 189 -24.12 21.73 26.54
C GLY A 189 -23.49 22.70 25.59
N ASN A 190 -22.41 22.27 24.92
CA ASN A 190 -21.66 23.13 24.00
C ASN A 190 -20.82 22.40 22.96
N ASP A 191 -20.40 23.14 21.93
CA ASP A 191 -19.66 22.58 20.81
C ASP A 191 -18.23 22.24 21.16
N LEU A 192 -17.93 22.24 22.45
CA LEU A 192 -16.54 22.33 22.87
C LEU A 192 -15.91 21.10 23.53
N GLY A 193 -16.73 20.13 23.95
CA GLY A 193 -16.26 18.94 24.66
C GLY A 193 -16.11 19.20 26.15
N THR A 194 -16.83 20.20 26.62
CA THR A 194 -16.65 20.75 27.94
C THR A 194 -17.87 20.57 28.83
N ASP A 195 -19.03 20.37 28.19
CA ASP A 195 -20.25 20.15 28.92
C ASP A 195 -20.89 18.86 28.43
N ILE A 196 -20.98 17.87 29.32
CA ILE A 196 -21.72 16.63 29.06
C ILE A 196 -22.52 16.19 30.28
N ARG A 197 -23.81 15.93 30.07
CA ARG A 197 -24.67 15.49 31.15
C ARG A 197 -25.43 14.24 30.72
N GLU A 198 -25.39 13.23 31.59
CA GLU A 198 -26.25 12.05 31.49
C GLU A 198 -27.68 12.42 31.86
N ILE A 199 -28.56 12.46 30.86
CA ILE A 199 -29.98 12.70 31.09
C ILE A 199 -30.88 11.45 30.98
N PRO A 200 -32.13 11.56 31.45
CA PRO A 200 -33.06 10.50 31.12
C PRO A 200 -33.63 10.74 29.72
N ILE A 201 -33.92 9.64 29.02
CA ILE A 201 -34.43 9.75 27.68
C ILE A 201 -35.70 10.59 27.69
N PRO A 202 -35.67 11.74 26.99
CA PRO A 202 -36.89 12.54 26.86
C PRO A 202 -38.04 11.64 26.46
N GLU A 203 -39.22 11.87 27.00
CA GLU A 203 -40.39 11.06 26.66
C GLU A 203 -40.66 11.09 25.14
N GLU A 204 -40.31 12.21 24.51
CA GLU A 204 -40.58 12.40 23.09
C GLU A 204 -39.77 11.44 22.21
N TYR A 205 -38.56 11.08 22.64
CA TYR A 205 -37.78 10.07 21.93
C TYR A 205 -37.88 8.73 22.61
N LEU A 206 -38.78 8.58 23.57
CA LEU A 206 -38.88 7.34 24.32
C LEU A 206 -39.51 6.18 23.56
N ASP A 207 -40.35 6.45 22.58
CA ASP A 207 -40.95 5.34 21.82
C ASP A 207 -39.93 4.69 20.90
N GLN A 208 -39.19 5.54 20.20
CA GLN A 208 -38.21 5.14 19.18
C GLN A 208 -37.03 4.38 19.78
N ALA A 209 -36.56 4.83 20.94
CA ALA A 209 -35.52 4.14 21.68
C ALA A 209 -35.97 2.73 22.07
N ARG A 210 -37.21 2.62 22.54
CA ARG A 210 -37.70 1.33 22.98
C ARG A 210 -37.76 0.42 21.76
N GLU A 211 -38.14 0.99 20.63
CA GLU A 211 -38.17 0.27 19.36
C GLU A 211 -36.83 -0.38 19.05
N TYR A 212 -35.79 0.45 18.98
CA TYR A 212 -34.44 0.01 18.56
C TYR A 212 -33.65 -0.73 19.61
N HIS A 213 -34.28 -0.89 20.77
CA HIS A 213 -33.73 -1.70 21.83
C HIS A 213 -34.06 -3.16 21.59
N GLU A 214 -35.34 -3.45 21.37
CA GLU A 214 -35.81 -4.83 21.14
C GLU A 214 -35.24 -5.37 19.83
N LYS A 215 -35.04 -4.49 18.85
CA LYS A 215 -34.37 -4.88 17.61
C LYS A 215 -32.93 -5.27 17.90
N LEU A 216 -32.32 -4.53 18.83
CA LEU A 216 -30.95 -4.81 19.22
C LEU A 216 -30.82 -6.17 19.91
N VAL A 217 -31.77 -6.49 20.77
CA VAL A 217 -31.76 -7.77 21.45
C VAL A 217 -32.02 -8.86 20.44
N GLU A 218 -32.94 -8.56 19.53
CA GLU A 218 -33.28 -9.45 18.41
C GLU A 218 -32.01 -9.87 17.66
N VAL A 219 -31.19 -8.86 17.31
CA VAL A 219 -29.86 -9.07 16.72
C VAL A 219 -28.86 -9.85 17.59
N ALA A 220 -28.80 -9.52 18.87
CA ALA A 220 -27.90 -10.19 19.79
C ALA A 220 -28.34 -11.65 20.00
N ALA A 221 -29.63 -11.91 19.77
CA ALA A 221 -30.20 -13.23 19.95
C ALA A 221 -29.66 -14.22 18.94
N ASP A 222 -29.13 -13.72 17.83
CA ASP A 222 -28.54 -14.57 16.79
C ASP A 222 -27.14 -15.03 17.18
N PHE A 223 -26.63 -14.51 18.29
CA PHE A 223 -25.25 -14.77 18.67
C PHE A 223 -25.12 -15.34 20.08
N ASP A 224 -26.19 -15.21 20.85
CA ASP A 224 -26.26 -15.82 22.18
C ASP A 224 -27.57 -16.61 22.28
N GLU A 225 -27.46 -17.92 22.46
CA GLU A 225 -28.62 -18.79 22.61
C GLU A 225 -29.49 -18.44 23.85
N ASN A 226 -28.87 -17.90 24.90
CA ASN A 226 -29.63 -17.59 26.12
C ASN A 226 -30.31 -16.23 26.09
N ILE A 227 -29.98 -15.43 25.08
CA ILE A 227 -30.67 -14.17 24.85
C ILE A 227 -31.87 -14.42 23.94
N MET A 228 -31.73 -15.38 23.02
CA MET A 228 -32.88 -15.82 22.24
C MET A 228 -33.95 -16.29 23.21
N LEU A 229 -33.63 -17.34 23.95
CA LEU A 229 -34.49 -17.88 25.01
C LEU A 229 -35.14 -16.77 25.82
N LYS A 230 -34.32 -15.87 26.35
CA LYS A 230 -34.80 -14.76 27.16
C LYS A 230 -35.67 -13.82 26.33
N TYR A 231 -35.33 -13.67 25.05
CA TYR A 231 -36.09 -12.84 24.12
C TYR A 231 -37.51 -13.40 23.98
N LEU A 232 -37.57 -14.68 23.63
CA LEU A 232 -38.82 -15.38 23.41
C LEU A 232 -39.83 -15.26 24.55
N GLU A 233 -39.34 -15.14 25.78
CA GLU A 233 -40.21 -15.12 26.95
C GLU A 233 -40.48 -13.72 27.49
N GLY A 234 -39.94 -12.71 26.80
CA GLY A 234 -40.17 -11.33 27.18
C GLY A 234 -39.30 -10.89 28.34
N GLU A 235 -38.33 -11.74 28.66
CA GLU A 235 -37.32 -11.47 29.69
C GLU A 235 -36.26 -10.53 29.16
N GLU A 236 -35.96 -9.49 29.93
CA GLU A 236 -34.90 -8.56 29.58
C GLU A 236 -33.54 -9.20 29.89
N PRO A 237 -32.63 -9.21 28.89
CA PRO A 237 -31.27 -9.73 29.12
C PRO A 237 -30.41 -8.72 29.88
N THR A 238 -29.31 -9.20 30.46
CA THR A 238 -28.39 -8.34 31.18
C THR A 238 -27.62 -7.45 30.22
N GLU A 239 -27.15 -6.30 30.73
CA GLU A 239 -26.42 -5.33 29.90
C GLU A 239 -25.16 -5.95 29.32
N GLU A 240 -24.63 -6.95 30.03
CA GLU A 240 -23.34 -7.53 29.65
C GLU A 240 -23.55 -8.61 28.58
N GLU A 241 -24.33 -9.63 28.93
CA GLU A 241 -24.95 -10.52 27.94
C GLU A 241 -25.12 -9.85 26.57
N LEU A 242 -25.68 -8.64 26.58
CA LEU A 242 -25.99 -7.93 25.35
C LEU A 242 -24.74 -7.40 24.66
N VAL A 243 -23.86 -6.77 25.41
CA VAL A 243 -22.62 -6.25 24.85
C VAL A 243 -21.75 -7.37 24.27
N ALA A 244 -21.63 -8.44 25.05
CA ALA A 244 -20.84 -9.59 24.63
C ALA A 244 -21.29 -10.14 23.27
N ALA A 245 -22.62 -10.30 23.10
CA ALA A 245 -23.20 -10.83 21.87
C ALA A 245 -23.04 -9.87 20.67
N ILE A 246 -23.16 -8.56 20.90
CA ILE A 246 -22.86 -7.58 19.85
C ILE A 246 -21.41 -7.70 19.46
N ARG A 247 -20.55 -7.77 20.47
CA ARG A 247 -19.13 -7.90 20.24
C ARG A 247 -18.81 -9.12 19.38
N LYS A 248 -19.31 -10.29 19.81
CA LYS A 248 -19.08 -11.57 19.11
C LYS A 248 -19.44 -11.51 17.63
N GLY A 249 -20.53 -10.82 17.32
CA GLY A 249 -21.01 -10.68 15.96
C GLY A 249 -20.26 -9.66 15.12
N THR A 250 -19.82 -8.58 15.78
CA THR A 250 -19.02 -7.53 15.16
C THR A 250 -17.69 -8.10 14.68
N ILE A 251 -17.11 -8.94 15.55
CA ILE A 251 -15.79 -9.52 15.36
C ILE A 251 -15.79 -10.58 14.26
N ASP A 252 -16.87 -11.37 14.23
CA ASP A 252 -17.02 -12.43 13.24
C ASP A 252 -17.46 -11.85 11.91
N LEU A 253 -17.51 -10.53 11.84
CA LEU A 253 -17.80 -9.81 10.60
C LEU A 253 -19.24 -9.95 10.20
N LYS A 254 -20.09 -10.25 11.18
CA LYS A 254 -21.49 -10.53 10.89
C LYS A 254 -22.39 -9.31 10.98
N ILE A 255 -21.95 -8.31 11.73
CA ILE A 255 -22.73 -7.09 11.90
C ILE A 255 -21.79 -5.92 12.04
N THR A 256 -22.34 -4.74 11.82
CA THR A 256 -21.56 -3.53 11.95
C THR A 256 -22.29 -2.57 12.88
N PRO A 257 -21.99 -2.64 14.19
CA PRO A 257 -22.67 -1.73 15.12
C PRO A 257 -22.43 -0.30 14.63
N VAL A 258 -23.46 0.54 14.69
CA VAL A 258 -23.35 1.88 14.15
C VAL A 258 -23.56 2.91 15.25
N PHE A 259 -22.69 3.91 15.27
CA PHE A 259 -22.73 5.01 16.24
C PHE A 259 -22.72 6.35 15.51
N LEU A 260 -23.10 7.42 16.18
CA LEU A 260 -23.05 8.72 15.53
C LEU A 260 -22.51 9.87 16.39
N GLY A 261 -22.16 10.96 15.71
CA GLY A 261 -21.88 12.23 16.36
C GLY A 261 -21.49 13.39 15.43
N SER A 262 -20.87 14.39 16.03
CA SER A 262 -20.14 15.40 15.31
C SER A 262 -18.77 15.52 15.99
N ALA A 263 -17.70 15.15 15.26
CA ALA A 263 -16.35 15.36 15.76
C ALA A 263 -16.04 16.85 15.88
N LEU A 264 -16.53 17.62 14.92
CA LEU A 264 -16.23 19.04 14.78
C LEU A 264 -16.81 19.91 15.91
N LYS A 265 -18.03 19.58 16.31
CA LYS A 265 -18.63 20.26 17.44
C LYS A 265 -18.69 19.36 18.69
N ASN A 266 -17.73 18.44 18.79
CA ASN A 266 -17.52 17.59 19.98
C ASN A 266 -18.78 16.99 20.57
N LYS A 267 -19.40 16.07 19.85
CA LYS A 267 -20.55 15.38 20.40
C LYS A 267 -20.49 13.90 20.04
N GLY A 268 -20.48 13.05 21.06
CA GLY A 268 -20.51 11.61 20.87
C GLY A 268 -19.18 10.91 20.73
N VAL A 269 -18.08 11.63 20.98
CA VAL A 269 -16.74 11.06 20.83
C VAL A 269 -16.42 10.09 21.97
N GLN A 270 -16.78 10.46 23.19
CA GLN A 270 -16.57 9.58 24.33
C GLN A 270 -17.32 8.25 24.21
N LEU A 271 -18.54 8.30 23.71
CA LEU A 271 -19.29 7.07 23.49
C LEU A 271 -18.62 6.16 22.47
N LEU A 272 -18.12 6.77 21.38
CA LEU A 272 -17.40 6.05 20.35
C LEU A 272 -16.12 5.42 20.91
N LEU A 273 -15.42 6.17 21.74
CA LEU A 273 -14.32 5.60 22.49
C LEU A 273 -14.84 4.37 23.23
N ASP A 274 -15.83 4.62 24.10
CA ASP A 274 -16.54 3.56 24.82
C ASP A 274 -16.77 2.34 23.91
N ALA A 275 -17.26 2.60 22.70
CA ALA A 275 -17.57 1.54 21.72
C ALA A 275 -16.33 0.79 21.27
N VAL A 276 -15.26 1.53 21.00
CA VAL A 276 -14.00 0.90 20.60
C VAL A 276 -13.60 -0.18 21.62
N VAL A 277 -13.62 0.17 22.90
CA VAL A 277 -13.28 -0.80 23.92
C VAL A 277 -14.34 -1.90 23.99
N ASP A 278 -15.60 -1.54 23.71
CA ASP A 278 -16.69 -2.50 23.85
C ASP A 278 -16.65 -3.61 22.81
N TYR A 279 -16.65 -3.21 21.54
CA TYR A 279 -16.98 -4.15 20.48
C TYR A 279 -15.81 -4.49 19.61
N LEU A 280 -14.82 -3.63 19.61
CA LEU A 280 -13.65 -3.80 18.76
C LEU A 280 -12.66 -4.81 19.33
N PRO A 281 -12.03 -5.62 18.46
CA PRO A 281 -11.20 -6.76 18.89
C PRO A 281 -9.87 -6.39 19.57
N SER A 282 -9.51 -7.21 20.55
CA SER A 282 -8.14 -7.27 21.03
C SER A 282 -7.34 -8.21 20.10
N PRO A 283 -6.01 -8.07 20.07
CA PRO A 283 -5.08 -8.96 19.36
C PRO A 283 -5.51 -10.45 19.39
N LEU A 284 -6.34 -10.78 20.37
CA LEU A 284 -6.76 -12.14 20.63
C LEU A 284 -7.99 -12.58 19.83
N ASP A 285 -8.86 -11.63 19.50
CA ASP A 285 -10.15 -11.95 18.90
C ASP A 285 -10.05 -12.27 17.39
N ILE A 286 -8.98 -11.78 16.76
CA ILE A 286 -8.72 -12.02 15.33
C ILE A 286 -7.75 -13.18 15.13
N PRO A 287 -7.92 -13.96 14.04
CA PRO A 287 -6.97 -15.07 13.86
C PRO A 287 -5.55 -14.54 13.69
N PRO A 288 -4.56 -15.31 14.17
CA PRO A 288 -3.14 -14.92 14.16
C PRO A 288 -2.58 -14.87 12.76
N ILE A 289 -1.54 -14.06 12.62
CA ILE A 289 -0.84 -13.87 11.37
C ILE A 289 -0.13 -15.16 11.02
N LYS A 290 0.22 -15.30 9.75
CA LYS A 290 0.93 -16.48 9.29
C LYS A 290 2.30 -16.06 8.80
N GLY A 291 3.27 -16.97 8.91
CA GLY A 291 4.62 -16.74 8.43
C GLY A 291 5.26 -18.05 8.02
N THR A 292 6.44 -17.97 7.41
CA THR A 292 7.07 -19.17 6.89
C THR A 292 8.36 -19.54 7.62
N THR A 293 8.37 -20.71 8.25
CA THR A 293 9.60 -21.29 8.77
C THR A 293 10.66 -21.23 7.67
N PRO A 294 11.93 -21.39 8.03
CA PRO A 294 12.98 -21.34 7.00
C PRO A 294 13.05 -22.60 6.12
N GLU A 295 12.34 -23.67 6.51
CA GLU A 295 12.21 -24.88 5.68
C GLU A 295 11.04 -24.80 4.69
N GLY A 296 10.31 -23.69 4.75
CA GLY A 296 9.27 -23.40 3.77
C GLY A 296 7.85 -23.60 4.25
N GLU A 297 7.69 -24.05 5.49
CA GLU A 297 6.38 -24.40 6.05
C GLU A 297 5.63 -23.19 6.65
N VAL A 298 4.33 -23.07 6.37
CA VAL A 298 3.53 -21.96 6.88
C VAL A 298 2.98 -22.21 8.31
N VAL A 299 3.20 -21.25 9.20
CA VAL A 299 2.76 -21.39 10.58
C VAL A 299 1.89 -20.22 11.01
N GLU A 300 0.86 -20.50 11.79
CA GLU A 300 0.15 -19.46 12.55
C GLU A 300 1.05 -18.97 13.68
N ILE A 301 1.26 -17.65 13.78
CA ILE A 301 2.04 -17.10 14.88
C ILE A 301 1.17 -16.62 16.04
N HIS A 302 1.29 -17.36 17.14
CA HIS A 302 0.44 -17.18 18.32
C HIS A 302 1.05 -16.25 19.38
N PRO A 303 0.25 -15.26 19.81
CA PRO A 303 0.57 -14.10 20.65
C PRO A 303 0.92 -14.46 22.08
N ASP A 304 2.03 -15.15 22.27
CA ASP A 304 2.49 -15.48 23.60
C ASP A 304 3.66 -14.55 23.93
N PRO A 305 3.48 -13.69 24.93
CA PRO A 305 4.57 -12.81 25.35
C PRO A 305 5.79 -13.59 25.83
N ASN A 306 5.57 -14.84 26.23
CA ASN A 306 6.66 -15.71 26.70
C ASN A 306 7.05 -16.73 25.63
N GLY A 307 6.50 -16.54 24.43
CA GLY A 307 6.92 -17.30 23.27
C GLY A 307 8.02 -16.56 22.52
N PRO A 308 8.46 -17.15 21.40
CA PRO A 308 9.60 -16.66 20.61
C PRO A 308 9.28 -15.28 20.03
N LEU A 309 10.26 -14.38 20.00
CA LEU A 309 9.99 -13.08 19.39
C LEU A 309 9.76 -13.22 17.90
N ALA A 310 8.77 -12.49 17.42
CA ALA A 310 8.48 -12.36 16.02
C ALA A 310 7.71 -11.07 15.85
N ALA A 311 8.19 -10.22 14.96
CA ALA A 311 7.70 -8.83 14.83
C ALA A 311 7.88 -8.30 13.42
N LEU A 312 6.92 -7.50 12.96
CA LEU A 312 6.97 -6.91 11.62
C LEU A 312 7.33 -5.42 11.69
N ALA A 313 8.31 -5.03 10.90
CA ALA A 313 8.62 -3.62 10.68
C ALA A 313 7.74 -3.10 9.55
N PHE A 314 6.88 -2.12 9.84
CA PHE A 314 5.85 -1.72 8.87
C PHE A 314 5.87 -0.26 8.47
N LYS A 315 6.85 0.50 8.98
CA LYS A 315 7.02 1.91 8.61
C LYS A 315 8.29 2.50 9.20
N ILE A 316 9.04 3.24 8.38
CA ILE A 316 10.23 3.95 8.86
C ILE A 316 9.98 5.45 8.85
N MET A 317 10.39 6.12 9.91
CA MET A 317 10.27 7.57 9.96
C MET A 317 11.55 8.18 10.48
N ALA A 318 12.05 9.20 9.80
CA ALA A 318 13.32 9.79 10.20
C ALA A 318 13.07 10.95 11.15
N ASP A 319 12.84 10.63 12.41
CA ASP A 319 12.71 11.66 13.44
C ASP A 319 13.93 12.57 13.41
N PRO A 320 13.73 13.87 13.65
CA PRO A 320 14.82 14.86 13.51
C PRO A 320 16.03 14.60 14.39
N TYR A 321 15.80 14.67 15.70
CA TYR A 321 16.89 14.62 16.68
C TYR A 321 16.90 13.31 17.48
N VAL A 322 15.87 12.49 17.30
CA VAL A 322 15.83 11.15 17.89
C VAL A 322 16.51 10.11 17.00
N GLY A 323 16.38 10.27 15.69
CA GLY A 323 17.05 9.41 14.74
C GLY A 323 16.09 8.73 13.79
N ARG A 324 16.57 7.65 13.16
CA ARG A 324 15.76 6.89 12.22
C ARG A 324 14.84 5.90 12.97
N LEU A 325 13.57 6.28 13.06
CA LEU A 325 12.55 5.50 13.78
C LEU A 325 11.96 4.41 12.91
N THR A 326 11.89 3.21 13.45
CA THR A 326 11.40 2.08 12.69
C THR A 326 10.27 1.36 13.45
N PHE A 327 9.05 1.57 12.96
CA PHE A 327 7.81 1.11 13.61
C PHE A 327 7.50 -0.37 13.40
N ILE A 328 7.11 -1.04 14.49
CA ILE A 328 6.86 -2.46 14.45
C ILE A 328 5.57 -2.81 15.17
N ARG A 329 4.97 -3.92 14.73
CA ARG A 329 3.96 -4.63 15.52
C ARG A 329 4.55 -5.98 15.95
N VAL A 330 4.43 -6.30 17.24
CA VAL A 330 4.96 -7.56 17.76
C VAL A 330 3.90 -8.64 17.73
N TYR A 331 4.19 -9.75 17.04
CA TYR A 331 3.17 -10.76 16.85
C TYR A 331 3.19 -11.85 17.90
N SER A 332 4.39 -12.31 18.25
CA SER A 332 4.56 -13.18 19.41
C SER A 332 5.82 -12.79 20.20
N GLY A 333 5.87 -13.26 21.45
CA GLY A 333 7.06 -13.09 22.27
C GLY A 333 7.26 -11.66 22.70
N THR A 334 8.31 -11.43 23.47
CA THR A 334 8.61 -10.08 23.97
C THR A 334 9.77 -9.42 23.21
N LEU A 335 9.67 -8.11 22.98
CA LEU A 335 10.78 -7.31 22.46
C LEU A 335 11.40 -6.44 23.56
N THR A 336 12.65 -6.71 23.90
CA THR A 336 13.26 -6.08 25.08
C THR A 336 14.34 -5.04 24.70
N SER A 337 14.17 -3.83 25.23
CA SER A 337 15.08 -2.71 25.01
C SER A 337 16.49 -3.09 25.48
N GLY A 338 17.50 -2.74 24.68
CA GLY A 338 18.87 -3.16 24.95
C GLY A 338 19.29 -4.50 24.35
N SER A 339 18.33 -5.25 23.82
CA SER A 339 18.61 -6.58 23.29
C SER A 339 19.15 -6.57 21.86
N TYR A 340 19.43 -7.75 21.32
CA TYR A 340 19.79 -7.91 19.92
C TYR A 340 18.70 -8.72 19.29
N VAL A 341 18.35 -8.37 18.06
CA VAL A 341 17.31 -9.07 17.33
C VAL A 341 17.91 -9.61 16.04
N TYR A 342 17.26 -10.58 15.43
CA TYR A 342 17.68 -11.01 14.11
C TYR A 342 16.66 -10.63 13.03
N ASN A 343 17.10 -9.78 12.09
CA ASN A 343 16.31 -9.50 10.89
C ASN A 343 16.40 -10.69 9.92
N THR A 344 15.28 -11.39 9.72
CA THR A 344 15.29 -12.59 8.91
C THR A 344 15.18 -12.32 7.42
N THR A 345 14.65 -11.16 7.03
CA THR A 345 14.52 -10.82 5.61
C THR A 345 15.87 -10.49 5.03
N LYS A 346 16.60 -9.61 5.71
CA LYS A 346 17.93 -9.17 5.28
C LYS A 346 19.03 -9.88 6.05
N GLY A 347 18.74 -11.08 6.52
CA GLY A 347 19.65 -11.90 7.32
C GLY A 347 20.88 -11.26 7.96
N ARG A 348 20.68 -10.26 8.81
CA ARG A 348 21.75 -9.66 9.61
C ARG A 348 21.25 -9.23 11.00
N LYS A 349 22.11 -9.38 12.01
CA LYS A 349 21.76 -9.04 13.39
C LYS A 349 21.77 -7.52 13.63
N GLU A 350 20.74 -7.04 14.31
CA GLU A 350 20.56 -5.62 14.62
C GLU A 350 20.56 -5.46 16.15
N ARG A 351 20.78 -4.25 16.65
CA ARG A 351 20.67 -4.00 18.09
C ARG A 351 19.64 -2.94 18.44
N VAL A 352 18.73 -3.28 19.37
CA VAL A 352 17.68 -2.35 19.75
C VAL A 352 18.12 -1.36 20.85
N ALA A 353 18.42 -0.13 20.41
CA ALA A 353 18.94 0.95 21.26
C ALA A 353 17.94 1.45 22.32
N ARG A 354 16.87 2.07 21.84
CA ARG A 354 15.76 2.49 22.69
C ARG A 354 14.45 1.97 22.11
N LEU A 355 13.42 1.88 22.97
CA LEU A 355 12.04 1.62 22.55
C LEU A 355 11.13 2.80 22.86
N LEU A 356 10.36 3.24 21.86
CA LEU A 356 9.48 4.38 22.07
C LEU A 356 7.97 4.12 21.83
N ARG A 357 7.15 4.79 22.62
CA ARG A 357 5.72 4.85 22.36
C ARG A 357 5.37 6.28 21.99
N MET A 358 4.84 6.50 20.79
CA MET A 358 4.49 7.86 20.38
C MET A 358 3.10 8.20 20.90
N HIS A 359 3.01 9.17 21.80
CA HIS A 359 1.72 9.65 22.29
C HIS A 359 1.35 10.87 21.46
N ALA A 360 0.22 11.49 21.79
CA ALA A 360 -0.23 12.67 21.06
C ALA A 360 0.75 13.85 21.22
N ASN A 361 1.11 14.12 22.47
CA ASN A 361 1.85 15.32 22.89
C ASN A 361 3.35 15.12 23.00
N HIS A 362 3.76 13.86 23.19
CA HIS A 362 5.13 13.53 23.59
C HIS A 362 5.61 12.15 23.13
N ARG A 363 6.89 11.86 23.35
CA ARG A 363 7.43 10.52 23.16
C ARG A 363 7.65 9.87 24.51
N GLU A 364 7.41 8.57 24.60
CA GLU A 364 7.66 7.83 25.84
C GLU A 364 8.56 6.65 25.55
N GLU A 365 9.65 6.59 26.31
CA GLU A 365 10.57 5.48 26.23
C GLU A 365 10.09 4.36 27.14
N VAL A 366 10.24 3.13 26.67
CA VAL A 366 9.64 1.96 27.29
C VAL A 366 10.67 0.87 27.24
N GLU A 367 10.57 -0.09 28.17
CA GLU A 367 11.61 -1.11 28.33
C GLU A 367 11.38 -2.34 27.45
N GLU A 368 10.32 -2.32 26.66
CA GLU A 368 9.72 -3.57 26.27
C GLU A 368 8.34 -3.39 25.62
N LEU A 369 8.12 -4.12 24.53
CA LEU A 369 6.83 -4.22 23.83
C LEU A 369 6.47 -5.69 23.70
N LYS A 370 5.40 -6.11 24.37
CA LYS A 370 5.02 -7.54 24.37
C LYS A 370 4.14 -7.96 23.19
N ALA A 371 3.84 -9.26 23.08
CA ALA A 371 3.00 -9.76 21.98
C ALA A 371 1.69 -8.96 21.81
N GLY A 372 1.37 -8.62 20.55
CA GLY A 372 0.15 -7.88 20.25
C GLY A 372 0.30 -6.37 20.31
N ASP A 373 1.42 -5.90 20.88
CA ASP A 373 1.65 -4.47 21.11
C ASP A 373 2.52 -3.78 20.03
N LEU A 374 2.54 -2.45 20.05
CA LEU A 374 3.25 -1.70 19.00
C LEU A 374 4.05 -0.49 19.50
N GLY A 375 5.06 -0.14 18.71
CA GLY A 375 5.85 1.05 18.93
C GLY A 375 7.02 1.21 17.97
N ALA A 376 7.96 2.06 18.37
CA ALA A 376 9.10 2.36 17.52
C ALA A 376 10.42 1.87 18.12
N VAL A 377 11.28 1.31 17.28
CA VAL A 377 12.60 0.91 17.75
C VAL A 377 13.68 1.84 17.22
N VAL A 378 14.51 2.32 18.15
CA VAL A 378 15.54 3.28 17.83
C VAL A 378 16.87 2.57 17.63
N GLY A 379 17.75 3.16 16.82
CA GLY A 379 18.96 2.48 16.38
C GLY A 379 18.62 1.84 15.04
N LEU A 380 18.82 0.54 14.96
CA LEU A 380 18.34 -0.23 13.82
C LEU A 380 18.85 0.35 12.50
N LYS A 381 19.99 -0.16 12.05
CA LYS A 381 20.67 0.39 10.89
C LYS A 381 20.01 -0.09 9.60
N GLU A 382 20.14 -1.38 9.31
CA GLU A 382 19.65 -1.93 8.06
C GLU A 382 18.36 -2.73 8.19
N THR A 383 17.29 -2.06 8.60
CA THR A 383 15.99 -2.68 8.61
C THR A 383 15.08 -1.70 7.90
N ILE A 384 14.39 -2.20 6.87
CA ILE A 384 13.39 -1.41 6.15
C ILE A 384 12.04 -2.06 6.32
N THR A 385 10.98 -1.31 6.05
CA THR A 385 9.62 -1.86 6.15
C THR A 385 9.42 -3.15 5.30
N GLY A 386 8.67 -4.10 5.85
CA GLY A 386 8.57 -5.43 5.26
C GLY A 386 9.39 -6.44 6.04
N ASP A 387 10.42 -5.93 6.70
CA ASP A 387 11.37 -6.78 7.41
C ASP A 387 10.77 -7.41 8.65
N THR A 388 11.18 -8.65 8.89
CA THR A 388 10.78 -9.40 10.05
C THR A 388 11.90 -9.42 11.10
N LEU A 389 11.54 -9.07 12.34
CA LEU A 389 12.45 -9.21 13.47
C LEU A 389 12.10 -10.42 14.33
N VAL A 390 13.09 -11.25 14.64
CA VAL A 390 12.94 -12.30 15.65
C VAL A 390 14.05 -12.19 16.69
N GLY A 391 13.96 -13.00 17.73
CA GLY A 391 14.76 -12.77 18.92
C GLY A 391 16.06 -13.52 19.02
N GLU A 392 16.96 -13.28 18.08
CA GLU A 392 18.35 -13.72 18.21
C GLU A 392 18.55 -15.24 18.22
N ASP A 393 17.85 -15.91 19.11
CA ASP A 393 17.92 -17.36 19.20
C ASP A 393 16.51 -17.92 19.07
N ALA A 394 15.68 -17.19 18.35
CA ALA A 394 14.32 -17.63 18.08
C ALA A 394 14.24 -18.14 16.65
N PRO A 395 13.12 -18.78 16.28
CA PRO A 395 12.91 -19.28 14.92
C PRO A 395 13.17 -18.22 13.84
N ARG A 396 13.82 -18.60 12.75
CA ARG A 396 14.09 -17.67 11.66
C ARG A 396 12.92 -17.54 10.69
N VAL A 397 11.79 -17.14 11.23
CA VAL A 397 10.55 -17.06 10.49
C VAL A 397 10.44 -15.78 9.68
N ILE A 398 9.60 -15.81 8.65
CA ILE A 398 9.39 -14.71 7.72
C ILE A 398 7.92 -14.37 7.56
N LEU A 399 7.55 -13.15 7.94
CA LEU A 399 6.16 -12.75 7.98
C LEU A 399 5.61 -12.17 6.66
N GLU A 400 6.40 -11.37 5.99
CA GLU A 400 5.90 -10.70 4.79
C GLU A 400 6.61 -11.13 3.50
N SER A 401 5.81 -11.40 2.47
CA SER A 401 6.28 -12.04 1.25
C SER A 401 7.24 -11.18 0.42
N ILE A 402 7.55 -11.67 -0.78
CA ILE A 402 8.72 -11.22 -1.55
C ILE A 402 8.52 -9.98 -2.44
N GLU A 403 7.94 -10.25 -3.61
CA GLU A 403 8.11 -9.49 -4.86
C GLU A 403 8.53 -8.02 -4.81
N VAL A 404 9.74 -7.75 -5.32
CA VAL A 404 10.13 -6.38 -5.64
C VAL A 404 9.49 -6.01 -6.98
N PRO A 405 8.85 -4.83 -7.03
CA PRO A 405 8.16 -4.39 -8.24
C PRO A 405 9.12 -4.07 -9.38
N GLU A 406 8.78 -4.52 -10.58
CA GLU A 406 9.46 -4.03 -11.76
C GLU A 406 9.12 -2.55 -11.93
N PRO A 407 10.17 -1.71 -12.10
CA PRO A 407 10.03 -0.28 -12.41
C PRO A 407 9.39 -0.08 -13.78
N VAL A 408 8.06 -0.03 -13.85
CA VAL A 408 7.36 -0.02 -15.13
C VAL A 408 7.00 1.37 -15.63
N ILE A 409 7.07 2.37 -14.75
CA ILE A 409 6.83 3.76 -15.16
C ILE A 409 8.11 4.59 -15.03
N ASP A 410 8.48 5.28 -16.09
CA ASP A 410 9.63 6.17 -16.06
C ASP A 410 9.15 7.61 -15.91
N VAL A 411 10.03 8.49 -15.41
CA VAL A 411 9.70 9.92 -15.33
C VAL A 411 10.97 10.76 -15.37
N ALA A 412 10.96 11.78 -16.22
CA ALA A 412 12.14 12.63 -16.43
C ALA A 412 12.07 13.89 -15.60
N ILE A 413 13.22 14.35 -15.12
CA ILE A 413 13.24 15.53 -14.29
C ILE A 413 14.38 16.49 -14.62
N GLU A 414 14.13 17.41 -15.55
CA GLU A 414 15.04 18.53 -15.76
C GLU A 414 15.00 19.39 -14.49
N PRO A 415 16.17 19.64 -13.88
CA PRO A 415 16.19 20.38 -12.61
C PRO A 415 15.76 21.84 -12.80
N LYS A 416 16.42 22.76 -12.11
CA LYS A 416 16.28 24.17 -12.43
C LYS A 416 17.35 24.50 -13.45
N THR A 417 18.51 24.92 -12.96
CA THR A 417 19.73 24.94 -13.75
C THR A 417 20.89 24.75 -12.77
N LYS A 418 21.42 23.53 -12.70
CA LYS A 418 22.50 23.20 -11.76
C LYS A 418 22.19 23.68 -10.35
N ALA A 419 21.01 24.28 -10.20
CA ALA A 419 20.59 24.91 -8.97
C ALA A 419 20.04 23.87 -8.00
N ASP A 420 18.81 23.47 -8.24
CA ASP A 420 18.19 22.41 -7.46
C ASP A 420 18.78 21.08 -7.87
N GLN A 421 19.35 21.05 -9.06
CA GLN A 421 20.10 19.89 -9.52
C GLN A 421 21.18 19.57 -8.50
N GLU A 422 21.53 20.58 -7.71
CA GLU A 422 22.50 20.43 -6.63
C GLU A 422 22.12 19.32 -5.64
N LYS A 423 20.97 19.49 -4.99
CA LYS A 423 20.62 18.73 -3.78
C LYS A 423 19.60 17.61 -4.05
N LEU A 424 19.07 17.59 -5.27
CA LEU A 424 18.12 16.57 -5.68
C LEU A 424 18.72 15.18 -5.61
N SER A 425 19.90 15.02 -6.20
CA SER A 425 20.60 13.74 -6.21
C SER A 425 21.02 13.29 -4.80
N GLN A 426 21.34 14.26 -3.95
CA GLN A 426 21.66 14.01 -2.54
C GLN A 426 20.41 13.57 -1.78
N ALA A 427 19.28 14.20 -2.11
CA ALA A 427 18.00 13.82 -1.50
C ALA A 427 17.45 12.53 -2.12
N LEU A 428 17.83 12.24 -3.35
CA LEU A 428 17.38 11.03 -4.03
C LEU A 428 18.01 9.80 -3.38
N ALA A 429 19.27 9.93 -3.00
CA ALA A 429 20.06 8.78 -2.60
C ALA A 429 19.92 8.41 -1.12
N ARG A 430 19.20 9.22 -0.35
CA ARG A 430 18.81 8.83 1.01
C ARG A 430 17.35 8.42 1.01
N LEU A 431 16.60 8.95 0.04
CA LEU A 431 15.22 8.57 -0.15
C LEU A 431 15.20 7.15 -0.73
N ALA A 432 16.32 6.77 -1.32
CA ALA A 432 16.51 5.41 -1.80
C ALA A 432 16.95 4.53 -0.64
N GLU A 433 16.67 5.00 0.57
CA GLU A 433 17.03 4.27 1.77
C GLU A 433 15.85 4.18 2.75
N GLU A 434 14.65 4.28 2.20
CA GLU A 434 13.43 3.79 2.83
C GLU A 434 12.49 3.41 1.70
N ASP A 435 13.06 3.36 0.50
CA ASP A 435 12.44 2.76 -0.66
C ASP A 435 13.56 2.23 -1.56
N PRO A 436 13.80 0.92 -1.52
CA PRO A 436 14.71 0.23 -2.44
C PRO A 436 14.00 -0.14 -3.74
N THR A 437 12.69 0.11 -3.78
CA THR A 437 11.83 -0.31 -4.89
C THR A 437 11.59 0.78 -5.94
N PHE A 438 12.68 1.37 -6.44
CA PHE A 438 12.61 2.34 -7.53
C PHE A 438 13.99 2.69 -8.08
N ARG A 439 14.10 2.68 -9.41
CA ARG A 439 15.37 2.93 -10.11
C ARG A 439 15.71 4.42 -10.25
N VAL A 440 16.98 4.72 -10.49
CA VAL A 440 17.40 6.05 -10.93
C VAL A 440 18.41 5.93 -12.08
N SER A 441 17.98 6.33 -13.27
CA SER A 441 18.80 6.20 -14.47
C SER A 441 19.08 7.59 -15.03
N THR A 442 20.33 7.84 -15.42
CA THR A 442 20.63 9.02 -16.20
C THR A 442 20.41 8.68 -17.68
N HIS A 443 19.45 9.37 -18.31
CA HIS A 443 19.17 9.16 -19.73
C HIS A 443 20.24 9.81 -20.60
N PRO A 444 21.08 8.97 -21.24
CA PRO A 444 22.14 9.43 -22.15
C PRO A 444 21.70 9.47 -23.62
N GLU A 445 20.76 10.35 -23.95
CA GLU A 445 20.50 10.78 -25.32
C GLU A 445 20.19 12.27 -25.28
N THR A 446 19.21 12.63 -24.47
CA THR A 446 18.80 14.03 -24.30
C THR A 446 19.35 14.65 -23.00
N GLY A 447 19.46 13.84 -21.94
CA GLY A 447 20.24 14.24 -20.78
C GLY A 447 19.59 14.22 -19.41
N GLN A 448 18.28 14.48 -19.35
CA GLN A 448 17.54 14.56 -18.08
C GLN A 448 17.87 13.37 -17.17
N THR A 449 17.34 13.41 -15.95
CA THR A 449 17.50 12.29 -15.02
C THR A 449 16.19 11.49 -14.93
N ILE A 450 16.30 10.17 -14.80
CA ILE A 450 15.15 9.26 -14.88
C ILE A 450 14.89 8.50 -13.58
N ILE A 451 13.69 8.67 -13.04
CA ILE A 451 13.23 7.87 -11.93
C ILE A 451 12.23 6.86 -12.45
N SER A 452 12.38 5.60 -12.05
CA SER A 452 11.50 4.53 -12.50
C SER A 452 10.86 3.84 -11.29
N GLY A 453 9.53 3.92 -11.18
CA GLY A 453 8.80 3.29 -10.08
C GLY A 453 7.82 2.24 -10.56
N MET A 454 6.82 1.93 -9.74
CA MET A 454 5.88 0.85 -10.06
C MET A 454 4.54 1.38 -10.56
N GLY A 455 3.99 2.37 -9.87
CA GLY A 455 2.72 2.96 -10.24
C GLY A 455 2.91 4.43 -10.58
N GLU A 456 1.85 5.06 -11.10
CA GLU A 456 1.84 6.50 -11.29
C GLU A 456 1.88 7.18 -9.93
N LEU A 457 1.12 6.63 -8.98
CA LEU A 457 1.02 7.18 -7.62
C LEU A 457 2.35 7.07 -6.86
N HIS A 458 3.05 5.95 -7.09
CA HIS A 458 4.40 5.79 -6.59
C HIS A 458 5.21 7.04 -6.97
N LEU A 459 5.26 7.34 -8.27
CA LEU A 459 6.06 8.46 -8.79
C LEU A 459 5.55 9.83 -8.37
N GLU A 460 4.27 9.92 -8.03
CA GLU A 460 3.67 11.22 -7.71
C GLU A 460 4.06 11.73 -6.32
N ILE A 461 4.04 10.83 -5.33
CA ILE A 461 4.47 11.20 -3.97
C ILE A 461 5.98 11.38 -3.87
N ILE A 462 6.72 10.55 -4.60
CA ILE A 462 8.17 10.72 -4.73
C ILE A 462 8.50 12.09 -5.32
N VAL A 463 7.53 12.65 -6.03
CA VAL A 463 7.67 13.97 -6.65
C VAL A 463 7.27 15.10 -5.69
N ASP A 464 6.25 14.84 -4.88
CA ASP A 464 5.84 15.82 -3.89
C ASP A 464 6.86 15.89 -2.76
N ARG A 465 7.63 14.82 -2.59
CA ARG A 465 8.68 14.76 -1.57
C ARG A 465 9.93 15.47 -2.09
N LEU A 466 10.11 15.40 -3.40
CA LEU A 466 11.19 16.10 -4.08
C LEU A 466 11.02 17.62 -3.98
N LYS A 467 9.84 18.11 -4.36
CA LYS A 467 9.61 19.55 -4.48
C LYS A 467 9.31 20.21 -3.14
N ARG A 468 8.36 19.66 -2.41
CA ARG A 468 8.00 20.20 -1.10
C ARG A 468 9.16 20.11 -0.12
N GLU A 469 9.34 18.92 0.46
CA GLU A 469 10.14 18.75 1.67
C GLU A 469 11.62 18.47 1.47
N PHE A 470 12.08 18.47 0.22
CA PHE A 470 13.51 18.38 -0.05
C PHE A 470 13.89 19.44 -1.06
N LYS A 471 12.96 20.38 -1.22
CA LYS A 471 13.15 21.66 -1.92
C LYS A 471 13.70 21.61 -3.35
N VAL A 472 13.26 20.64 -4.14
CA VAL A 472 13.70 20.53 -5.53
C VAL A 472 12.66 21.07 -6.54
N ASP A 473 12.92 22.25 -7.09
CA ASP A 473 12.11 22.77 -8.18
C ASP A 473 12.70 22.37 -9.52
N ALA A 474 11.84 21.94 -10.44
CA ALA A 474 12.32 21.39 -11.69
C ALA A 474 11.19 21.15 -12.69
N ASN A 475 11.57 20.78 -13.91
CA ASN A 475 10.62 20.34 -14.92
C ASN A 475 10.38 18.84 -14.81
N VAL A 476 9.36 18.51 -14.04
CA VAL A 476 8.94 17.13 -13.88
C VAL A 476 8.24 16.71 -15.17
N GLY A 477 8.65 15.57 -15.72
CA GLY A 477 8.11 15.08 -16.97
C GLY A 477 6.82 14.31 -16.84
N LYS A 478 6.27 13.88 -17.97
CA LYS A 478 5.08 13.04 -17.98
C LYS A 478 5.45 11.55 -17.82
N PRO A 479 4.60 10.80 -17.12
CA PRO A 479 4.83 9.39 -16.86
C PRO A 479 4.79 8.57 -18.14
N GLN A 480 5.97 8.17 -18.62
CA GLN A 480 6.09 7.28 -19.76
C GLN A 480 6.26 5.83 -19.29
N VAL A 481 5.64 4.92 -20.03
CA VAL A 481 5.72 3.50 -19.73
C VAL A 481 7.09 2.93 -20.13
N ALA A 482 7.62 2.03 -19.29
CA ALA A 482 8.94 1.43 -19.50
C ALA A 482 8.96 0.38 -20.62
N TYR A 483 9.03 0.84 -21.87
CA TYR A 483 9.09 -0.06 -23.00
C TYR A 483 10.48 -0.66 -23.16
N ARG A 484 10.55 -1.86 -23.74
CA ARG A 484 11.82 -2.50 -24.06
C ARG A 484 11.84 -2.88 -25.54
N GLU A 485 12.99 -3.38 -26.01
CA GLU A 485 13.13 -3.77 -27.42
C GLU A 485 13.99 -5.04 -27.51
N THR A 486 13.58 -5.93 -28.41
CA THR A 486 14.24 -7.22 -28.56
C THR A 486 14.15 -7.67 -30.02
N ILE A 487 14.69 -8.85 -30.30
CA ILE A 487 14.70 -9.38 -31.67
C ILE A 487 13.97 -10.71 -31.70
N THR A 488 13.65 -11.18 -32.90
CA THR A 488 12.75 -12.31 -33.02
C THR A 488 13.27 -13.42 -33.95
N LYS A 489 14.37 -13.12 -34.64
CA LYS A 489 15.13 -14.15 -35.33
C LYS A 489 16.64 -13.91 -35.11
N PRO A 490 17.46 -14.95 -35.30
CA PRO A 490 18.89 -14.75 -35.08
C PRO A 490 19.55 -14.00 -36.23
N VAL A 491 20.61 -13.25 -35.92
CA VAL A 491 21.35 -12.55 -36.96
C VAL A 491 22.83 -12.89 -36.93
N ASP A 492 23.54 -12.42 -37.94
CA ASP A 492 24.98 -12.58 -38.06
C ASP A 492 25.50 -11.28 -38.69
N VAL A 493 26.08 -10.39 -37.88
CA VAL A 493 26.41 -9.05 -38.35
C VAL A 493 27.84 -8.63 -38.02
N GLU A 494 28.23 -7.46 -38.53
CA GLU A 494 29.52 -6.87 -38.18
C GLU A 494 29.49 -5.36 -37.88
N GLY A 495 30.47 -4.91 -37.10
CA GLY A 495 30.71 -3.49 -36.94
C GLY A 495 32.17 -3.18 -37.22
N LYS A 496 32.41 -2.04 -37.85
CA LYS A 496 33.77 -1.56 -38.01
C LYS A 496 33.84 -0.13 -37.51
N PHE A 497 35.01 0.25 -37.00
CA PHE A 497 35.39 1.67 -36.88
C PHE A 497 36.78 1.82 -37.48
N ILE A 498 36.92 2.75 -38.43
CA ILE A 498 38.17 2.94 -39.15
C ILE A 498 38.45 4.43 -39.43
N ARG A 499 39.44 5.01 -38.75
CA ARG A 499 39.90 6.36 -39.08
C ARG A 499 41.34 6.35 -39.55
N LEU A 500 41.70 7.32 -40.40
CA LEU A 500 43.07 7.45 -40.92
C LEU A 500 43.48 8.92 -40.99
N THR A 501 44.44 9.30 -40.15
CA THR A 501 44.62 10.68 -39.77
C THR A 501 43.28 11.38 -39.51
N GLY A 502 43.10 11.64 -38.22
CA GLY A 502 41.99 12.38 -37.65
C GLY A 502 41.88 12.04 -36.18
N GLY A 503 43.01 12.10 -35.46
CA GLY A 503 44.29 12.57 -36.00
C GLY A 503 45.44 11.56 -35.95
N ARG A 504 45.18 10.41 -35.33
CA ARG A 504 46.01 9.22 -35.46
C ARG A 504 45.12 8.06 -35.97
N GLY A 505 45.73 6.92 -36.31
CA GLY A 505 45.01 5.80 -36.90
C GLY A 505 44.12 4.97 -35.98
N GLN A 506 42.92 4.63 -36.45
CA GLN A 506 41.94 3.92 -35.65
C GLN A 506 41.41 2.70 -36.41
N TYR A 507 41.30 1.57 -35.72
CA TYR A 507 40.78 0.34 -36.34
C TYR A 507 40.09 -0.62 -35.34
N GLY A 508 38.87 -1.02 -35.67
CA GLY A 508 38.14 -2.01 -34.89
C GLY A 508 37.12 -2.72 -35.77
N HIS A 509 37.09 -4.04 -35.67
CA HIS A 509 36.19 -4.81 -36.52
C HIS A 509 35.81 -6.13 -35.87
N VAL A 510 34.52 -6.28 -35.65
CA VAL A 510 34.00 -7.48 -35.01
C VAL A 510 32.98 -8.22 -35.87
N LYS A 511 32.70 -9.46 -35.50
CA LYS A 511 31.56 -10.17 -36.05
C LYS A 511 30.79 -10.89 -34.92
N ILE A 512 29.47 -10.75 -34.92
CA ILE A 512 28.64 -11.33 -33.86
C ILE A 512 27.40 -12.06 -34.36
N LYS A 513 27.09 -13.18 -33.75
CA LYS A 513 25.80 -13.81 -33.95
C LYS A 513 24.97 -13.40 -32.74
N VAL A 514 23.89 -12.68 -32.98
CA VAL A 514 22.98 -12.39 -31.89
C VAL A 514 21.73 -13.22 -32.09
N GLU A 515 21.31 -13.90 -31.03
CA GLU A 515 20.10 -14.67 -31.09
C GLU A 515 19.13 -14.24 -29.98
N PRO A 516 17.83 -14.42 -30.19
CA PRO A 516 16.84 -14.24 -29.12
C PRO A 516 17.06 -15.17 -27.91
N LEU A 517 16.93 -14.58 -26.72
CA LEU A 517 16.83 -15.31 -25.46
C LEU A 517 15.34 -15.43 -25.10
N PRO A 518 14.99 -16.40 -24.26
CA PRO A 518 13.65 -16.48 -23.65
C PRO A 518 13.28 -15.19 -22.93
N ARG A 519 11.99 -14.90 -22.83
CA ARG A 519 11.52 -13.67 -22.21
C ARG A 519 12.12 -13.45 -20.83
N GLY A 520 12.81 -12.32 -20.68
CA GLY A 520 13.40 -11.93 -19.42
C GLY A 520 14.51 -12.80 -18.89
N SER A 521 15.36 -13.30 -19.79
CA SER A 521 16.63 -13.92 -19.40
C SER A 521 17.70 -12.83 -19.42
N GLY A 522 17.39 -11.75 -20.14
CA GLY A 522 18.22 -10.56 -20.17
C GLY A 522 19.38 -10.64 -21.14
N PHE A 523 20.55 -10.27 -20.63
CA PHE A 523 21.76 -10.27 -21.41
C PHE A 523 22.63 -11.49 -21.15
N GLU A 524 23.12 -12.07 -22.24
CA GLU A 524 24.19 -13.06 -22.18
C GLU A 524 25.24 -12.75 -23.22
N PHE A 525 26.51 -12.74 -22.81
CA PHE A 525 27.64 -12.61 -23.74
C PHE A 525 28.54 -13.85 -23.76
N VAL A 526 28.92 -14.26 -24.96
CA VAL A 526 29.78 -15.43 -25.17
C VAL A 526 30.95 -15.07 -26.08
N ASN A 527 32.15 -15.53 -25.73
CA ASN A 527 33.34 -15.18 -26.51
C ASN A 527 33.88 -16.36 -27.32
N ALA A 528 33.42 -16.47 -28.55
CA ALA A 528 33.83 -17.56 -29.41
C ALA A 528 34.99 -17.12 -30.30
N ILE A 529 35.73 -16.11 -29.86
CA ILE A 529 36.90 -15.64 -30.59
C ILE A 529 37.99 -16.69 -30.58
N VAL A 530 38.54 -16.95 -31.75
CA VAL A 530 39.51 -18.04 -31.90
C VAL A 530 40.74 -17.77 -31.07
N GLY A 531 41.82 -17.36 -31.72
CA GLY A 531 43.06 -17.14 -31.00
C GLY A 531 43.90 -16.02 -31.58
N GLY A 532 43.73 -14.82 -31.04
CA GLY A 532 44.47 -13.66 -31.49
C GLY A 532 43.81 -12.89 -32.63
N VAL A 533 42.64 -13.37 -33.06
CA VAL A 533 41.86 -12.80 -34.15
C VAL A 533 41.42 -11.35 -33.84
N ILE A 534 40.88 -11.18 -32.65
CA ILE A 534 40.86 -9.88 -31.97
C ILE A 534 41.75 -10.07 -30.75
N PRO A 535 42.83 -9.28 -30.65
CA PRO A 535 43.73 -9.33 -29.50
C PRO A 535 42.96 -9.26 -28.17
N LYS A 536 43.26 -10.17 -27.26
CA LYS A 536 42.53 -10.33 -25.99
C LYS A 536 42.30 -9.04 -25.23
N GLU A 537 43.15 -8.04 -25.48
CA GLU A 537 43.09 -6.77 -24.74
C GLU A 537 41.89 -5.90 -25.10
N TYR A 538 41.26 -6.18 -26.23
CA TYR A 538 40.21 -5.30 -26.72
C TYR A 538 38.78 -5.81 -26.44
N ILE A 539 38.66 -7.09 -26.10
CA ILE A 539 37.37 -7.71 -25.78
C ILE A 539 36.49 -6.92 -24.79
N PRO A 540 37.08 -6.41 -23.70
CA PRO A 540 36.29 -5.52 -22.83
C PRO A 540 35.70 -4.32 -23.58
N ALA A 541 36.52 -3.57 -24.31
CA ALA A 541 36.05 -2.44 -25.12
C ALA A 541 34.86 -2.81 -26.04
N VAL A 542 34.93 -3.97 -26.66
CA VAL A 542 33.83 -4.48 -27.46
C VAL A 542 32.58 -4.65 -26.60
N GLN A 543 32.74 -5.31 -25.45
CA GLN A 543 31.64 -5.50 -24.51
C GLN A 543 31.07 -4.18 -23.99
N LYS A 544 31.94 -3.20 -23.77
CA LYS A 544 31.49 -1.92 -23.25
C LYS A 544 30.59 -1.22 -24.25
N GLY A 545 30.99 -1.23 -25.52
CA GLY A 545 30.29 -0.54 -26.56
C GLY A 545 29.02 -1.27 -26.88
N ILE A 546 29.05 -2.59 -26.85
CA ILE A 546 27.82 -3.36 -26.99
C ILE A 546 26.79 -2.95 -25.95
N GLU A 547 27.18 -3.02 -24.68
CA GLU A 547 26.30 -2.59 -23.58
C GLU A 547 25.85 -1.15 -23.75
N GLU A 548 26.78 -0.28 -24.14
CA GLU A 548 26.46 1.13 -24.33
C GLU A 548 25.39 1.35 -25.39
N ALA A 549 25.44 0.56 -26.45
CA ALA A 549 24.53 0.71 -27.58
C ALA A 549 23.14 0.17 -27.27
N MET A 550 23.10 -0.83 -26.37
CA MET A 550 21.88 -1.54 -25.99
C MET A 550 20.99 -0.73 -25.07
N GLN A 551 21.36 0.51 -24.80
CA GLN A 551 20.56 1.38 -23.94
C GLN A 551 19.59 2.16 -24.82
N SER A 552 19.75 2.03 -26.12
CA SER A 552 18.90 2.71 -27.08
C SER A 552 18.72 1.83 -28.32
N GLY A 553 17.54 1.21 -28.41
CA GLY A 553 17.18 0.39 -29.55
C GLY A 553 16.69 1.26 -30.67
N PRO A 554 16.42 0.66 -31.84
CA PRO A 554 16.19 1.45 -33.05
C PRO A 554 14.72 1.87 -33.25
N LEU A 555 13.81 1.23 -32.53
CA LEU A 555 12.38 1.44 -32.76
C LEU A 555 11.89 2.69 -32.07
N ILE A 556 12.23 2.80 -30.79
CA ILE A 556 11.77 3.90 -29.96
C ILE A 556 12.83 4.28 -28.92
N GLY A 557 14.10 3.96 -29.20
CA GLY A 557 15.21 4.37 -28.37
C GLY A 557 15.12 3.91 -26.93
N PHE A 558 14.35 2.86 -26.71
CA PHE A 558 14.27 2.23 -25.41
C PHE A 558 15.28 1.09 -25.31
N PRO A 559 15.56 0.65 -24.08
CA PRO A 559 16.55 -0.38 -23.75
C PRO A 559 16.33 -1.71 -24.49
N VAL A 560 17.43 -2.28 -24.98
CA VAL A 560 17.44 -3.59 -25.61
C VAL A 560 17.63 -4.70 -24.54
N VAL A 561 16.90 -5.80 -24.71
CA VAL A 561 16.83 -6.87 -23.70
C VAL A 561 16.71 -8.27 -24.34
N ASP A 562 16.84 -9.30 -23.50
CA ASP A 562 16.62 -10.70 -23.88
C ASP A 562 17.31 -11.13 -25.16
N ILE A 563 18.63 -10.91 -25.23
CA ILE A 563 19.44 -11.32 -26.38
C ILE A 563 20.78 -11.94 -25.94
N LYS A 564 21.31 -12.82 -26.78
CA LYS A 564 22.55 -13.53 -26.51
C LYS A 564 23.55 -13.32 -27.62
N VAL A 565 24.60 -12.57 -27.31
CA VAL A 565 25.59 -12.17 -28.31
C VAL A 565 26.80 -13.06 -28.26
N THR A 566 27.26 -13.50 -29.42
CA THR A 566 28.48 -14.28 -29.47
C THR A 566 29.45 -13.67 -30.48
N LEU A 567 30.53 -13.12 -29.94
CA LEU A 567 31.68 -12.68 -30.72
C LEU A 567 32.40 -13.91 -31.24
N TYR A 568 32.38 -14.10 -32.57
CA TYR A 568 32.92 -15.31 -33.18
C TYR A 568 34.05 -15.02 -34.18
N ASP A 569 34.21 -13.74 -34.54
CA ASP A 569 35.20 -13.35 -35.52
C ASP A 569 35.41 -11.84 -35.49
N GLY A 570 36.34 -11.36 -36.32
CA GLY A 570 36.73 -9.97 -36.37
C GLY A 570 38.04 -9.75 -37.12
N SER A 571 38.67 -8.62 -36.85
CA SER A 571 40.00 -8.35 -37.37
C SER A 571 40.62 -7.14 -36.65
N TYR A 572 41.89 -6.88 -36.94
CA TYR A 572 42.55 -5.73 -36.34
C TYR A 572 43.67 -5.26 -37.27
N HIS A 573 44.16 -4.03 -37.01
CA HIS A 573 45.07 -3.31 -37.92
C HIS A 573 46.43 -3.00 -37.34
N GLU A 574 46.72 -3.67 -36.22
CA GLU A 574 48.10 -4.01 -35.83
C GLU A 574 48.95 -2.91 -35.17
N VAL A 575 48.80 -1.69 -35.66
CA VAL A 575 49.21 -0.50 -34.93
C VAL A 575 47.96 0.30 -34.55
N ASP A 576 47.06 0.44 -35.53
CA ASP A 576 45.90 1.33 -35.47
C ASP A 576 44.74 0.91 -34.53
N SER A 577 44.78 -0.33 -34.02
CA SER A 577 43.71 -0.80 -33.12
C SER A 577 43.77 -0.13 -31.73
N SER A 578 42.68 -0.28 -30.99
CA SER A 578 42.51 0.48 -29.77
C SER A 578 41.23 0.10 -29.09
N GLU A 579 41.11 0.47 -27.84
CA GLU A 579 39.89 0.23 -27.09
C GLU A 579 38.73 1.04 -27.67
N MET A 580 39.00 2.30 -28.02
CA MET A 580 37.97 3.16 -28.59
C MET A 580 37.37 2.54 -29.85
N ALA A 581 38.26 2.09 -30.75
CA ALA A 581 37.89 1.45 -32.01
C ALA A 581 37.00 0.24 -31.81
N PHE A 582 37.42 -0.63 -30.91
CA PHE A 582 36.68 -1.85 -30.68
C PHE A 582 35.36 -1.59 -29.99
N LYS A 583 35.37 -0.66 -29.04
CA LYS A 583 34.16 -0.24 -28.38
C LYS A 583 33.12 0.19 -29.41
N ILE A 584 33.48 1.16 -30.26
CA ILE A 584 32.57 1.61 -31.30
C ILE A 584 32.15 0.48 -32.23
N ALA A 585 33.12 -0.31 -32.66
CA ALA A 585 32.85 -1.44 -33.55
C ALA A 585 31.80 -2.37 -32.94
N GLY A 586 31.67 -2.33 -31.61
CA GLY A 586 30.71 -3.15 -30.89
C GLY A 586 29.37 -2.47 -30.79
N SER A 587 29.36 -1.17 -30.51
CA SER A 587 28.13 -0.40 -30.61
C SER A 587 27.51 -0.63 -31.98
N MET A 588 28.25 -0.26 -33.01
CA MET A 588 27.84 -0.38 -34.41
C MET A 588 27.24 -1.73 -34.72
N ALA A 589 28.04 -2.76 -34.50
CA ALA A 589 27.64 -4.15 -34.71
C ALA A 589 26.32 -4.46 -34.00
N ILE A 590 26.26 -4.13 -32.72
CA ILE A 590 25.08 -4.41 -31.92
C ILE A 590 23.83 -3.69 -32.47
N LYS A 591 23.99 -2.44 -32.89
CA LYS A 591 22.85 -1.65 -33.32
C LYS A 591 22.31 -2.23 -34.63
N GLU A 592 23.24 -2.68 -35.47
CA GLU A 592 22.89 -3.25 -36.76
C GLU A 592 22.16 -4.55 -36.58
N ALA A 593 22.66 -5.38 -35.66
CA ALA A 593 22.05 -6.68 -35.40
C ALA A 593 20.56 -6.55 -35.02
N VAL A 594 20.23 -5.51 -34.25
CA VAL A 594 18.85 -5.31 -33.81
C VAL A 594 17.93 -4.92 -34.98
N GLN A 595 18.39 -3.98 -35.82
CA GLN A 595 17.62 -3.58 -37.00
C GLN A 595 17.26 -4.80 -37.84
N LYS A 596 18.24 -5.70 -37.97
CA LYS A 596 18.16 -6.89 -38.79
C LYS A 596 17.36 -8.04 -38.18
N GLY A 597 17.31 -8.12 -36.85
CA GLY A 597 16.68 -9.25 -36.19
C GLY A 597 15.16 -9.21 -36.04
N ASP A 598 14.46 -8.64 -37.03
CA ASP A 598 12.99 -8.58 -36.98
C ASP A 598 12.55 -8.08 -35.62
N PRO A 599 13.07 -6.91 -35.24
CA PRO A 599 12.91 -6.28 -33.92
C PRO A 599 11.47 -6.06 -33.54
N VAL A 600 11.19 -6.09 -32.25
CA VAL A 600 9.83 -5.89 -31.75
C VAL A 600 9.91 -5.14 -30.43
N ILE A 601 8.79 -4.51 -30.04
CA ILE A 601 8.73 -3.77 -28.79
C ILE A 601 8.08 -4.61 -27.69
N LEU A 602 8.66 -4.53 -26.50
CA LEU A 602 8.07 -5.20 -25.34
C LEU A 602 7.44 -4.18 -24.40
N GLU A 603 6.20 -4.44 -24.03
CA GLU A 603 5.47 -3.54 -23.14
C GLU A 603 5.07 -4.29 -21.87
N PRO A 604 4.90 -3.55 -20.77
CA PRO A 604 4.48 -4.15 -19.48
C PRO A 604 3.00 -4.48 -19.52
N ILE A 605 2.69 -5.67 -19.01
CA ILE A 605 1.32 -6.15 -18.93
C ILE A 605 0.95 -6.32 -17.46
N MET A 606 -0.05 -5.56 -17.01
CA MET A 606 -0.43 -5.54 -15.61
C MET A 606 -1.50 -6.57 -15.25
N ARG A 607 -1.38 -7.14 -14.05
CA ARG A 607 -2.44 -7.96 -13.46
C ARG A 607 -3.40 -7.02 -12.72
N VAL A 608 -4.59 -6.85 -13.26
CA VAL A 608 -5.55 -5.88 -12.75
C VAL A 608 -6.69 -6.60 -12.07
N GLU A 609 -7.28 -5.94 -11.08
CA GLU A 609 -8.33 -6.52 -10.26
C GLU A 609 -9.35 -5.44 -9.96
N VAL A 610 -10.50 -5.50 -10.61
CA VAL A 610 -11.49 -4.42 -10.48
C VAL A 610 -12.68 -4.79 -9.59
N THR A 611 -12.85 -4.02 -8.51
CA THR A 611 -13.98 -4.19 -7.61
C THR A 611 -15.20 -3.35 -8.06
N THR A 612 -16.18 -4.02 -8.68
CA THR A 612 -17.38 -3.34 -9.14
C THR A 612 -18.68 -3.81 -8.46
N PRO A 613 -19.62 -2.87 -8.22
CA PRO A 613 -21.01 -3.23 -7.92
C PRO A 613 -21.56 -4.09 -9.07
N GLU A 614 -22.28 -5.17 -8.74
CA GLU A 614 -22.65 -6.17 -9.75
C GLU A 614 -23.43 -5.61 -10.95
N GLU A 615 -24.02 -4.43 -10.78
CA GLU A 615 -24.86 -3.85 -11.81
C GLU A 615 -24.02 -3.30 -12.97
N TYR A 616 -22.70 -3.26 -12.78
CA TYR A 616 -21.78 -2.73 -13.79
C TYR A 616 -20.79 -3.78 -14.31
N MET A 617 -20.99 -5.04 -13.95
CA MET A 617 -20.13 -6.12 -14.45
C MET A 617 -19.86 -5.93 -15.94
N GLY A 618 -20.90 -6.07 -16.75
CA GLY A 618 -20.79 -5.97 -18.19
C GLY A 618 -20.10 -4.72 -18.75
N ASP A 619 -20.60 -3.53 -18.39
CA ASP A 619 -20.13 -2.28 -19.00
C ASP A 619 -18.66 -1.97 -18.64
N VAL A 620 -18.12 -2.73 -17.69
CA VAL A 620 -16.77 -2.53 -17.18
C VAL A 620 -15.83 -3.50 -17.85
N ILE A 621 -16.36 -4.70 -18.07
CA ILE A 621 -15.69 -5.74 -18.82
C ILE A 621 -15.45 -5.31 -20.27
N GLY A 622 -16.42 -4.62 -20.86
CA GLY A 622 -16.32 -4.18 -22.24
C GLY A 622 -15.22 -3.15 -22.42
N ASP A 623 -15.14 -2.24 -21.46
CA ASP A 623 -14.06 -1.27 -21.44
C ASP A 623 -12.71 -1.96 -21.33
N LEU A 624 -12.59 -2.91 -20.40
CA LEU A 624 -11.35 -3.67 -20.25
C LEU A 624 -10.95 -4.33 -21.55
N ASN A 625 -11.89 -5.04 -22.16
CA ASN A 625 -11.70 -5.60 -23.49
C ASN A 625 -11.27 -4.53 -24.50
N ALA A 626 -11.73 -3.30 -24.27
CA ALA A 626 -11.51 -2.19 -25.19
C ALA A 626 -10.10 -1.63 -25.05
N ARG A 627 -9.49 -1.86 -23.90
CA ARG A 627 -8.09 -1.53 -23.66
C ARG A 627 -7.19 -2.71 -23.98
N ARG A 628 -7.52 -3.45 -25.04
CA ARG A 628 -6.80 -4.69 -25.37
C ARG A 628 -6.70 -5.64 -24.17
N GLY A 629 -7.69 -5.62 -23.29
CA GLY A 629 -7.67 -6.46 -22.10
C GLY A 629 -8.06 -7.90 -22.34
N GLN A 630 -7.75 -8.74 -21.36
CA GLN A 630 -8.09 -10.15 -21.38
C GLN A 630 -8.51 -10.61 -19.99
N ILE A 631 -9.79 -11.01 -19.89
CA ILE A 631 -10.41 -11.37 -18.61
C ILE A 631 -9.94 -12.74 -18.08
N LEU A 632 -9.74 -12.81 -16.76
CA LEU A 632 -9.34 -14.04 -16.08
C LEU A 632 -10.42 -14.64 -15.17
N GLY A 633 -11.50 -13.88 -14.92
CA GLY A 633 -12.64 -14.41 -14.18
C GLY A 633 -13.09 -13.67 -12.92
N MET A 634 -14.40 -13.41 -12.84
CA MET A 634 -14.99 -12.69 -11.72
C MET A 634 -15.50 -13.59 -10.59
N GLU A 635 -14.79 -13.55 -9.46
CA GLU A 635 -15.31 -14.13 -8.23
C GLU A 635 -16.00 -13.02 -7.45
N PRO A 636 -17.13 -13.34 -6.79
CA PRO A 636 -17.70 -12.28 -5.95
C PRO A 636 -16.97 -12.17 -4.62
N ARG A 637 -16.76 -10.92 -4.18
CA ARG A 637 -16.32 -10.60 -2.81
C ARG A 637 -17.32 -9.65 -2.16
N GLY A 638 -17.83 -10.04 -1.00
CA GLY A 638 -18.93 -9.32 -0.36
C GLY A 638 -20.21 -9.39 -1.18
N ASN A 639 -20.93 -8.28 -1.26
CA ASN A 639 -22.08 -8.17 -2.16
C ASN A 639 -21.59 -7.54 -3.47
N ALA A 640 -20.27 -7.48 -3.60
CA ALA A 640 -19.65 -6.94 -4.78
C ALA A 640 -19.20 -8.08 -5.65
N GLN A 641 -18.60 -7.75 -6.79
CA GLN A 641 -17.99 -8.72 -7.66
C GLN A 641 -16.54 -8.27 -7.85
N VAL A 642 -15.61 -9.20 -8.07
CA VAL A 642 -14.23 -8.78 -8.39
C VAL A 642 -13.68 -9.41 -9.67
N ILE A 643 -13.60 -8.60 -10.71
CA ILE A 643 -13.15 -9.01 -12.04
C ILE A 643 -11.62 -9.02 -12.17
N ARG A 644 -11.07 -10.18 -12.52
CA ARG A 644 -9.63 -10.29 -12.78
C ARG A 644 -9.33 -10.17 -14.27
N ALA A 645 -8.17 -9.60 -14.61
CA ALA A 645 -7.83 -9.26 -16.00
C ALA A 645 -6.33 -9.01 -16.24
N PHE A 646 -5.90 -9.22 -17.49
CA PHE A 646 -4.61 -8.68 -17.97
C PHE A 646 -4.87 -7.47 -18.85
N VAL A 647 -4.18 -6.38 -18.56
CA VAL A 647 -4.29 -5.22 -19.43
C VAL A 647 -2.97 -4.46 -19.55
N PRO A 648 -2.61 -4.11 -20.79
CA PRO A 648 -1.38 -3.36 -21.06
C PRO A 648 -1.32 -2.11 -20.18
N LEU A 649 -0.18 -1.88 -19.53
CA LEU A 649 -0.03 -0.70 -18.70
C LEU A 649 -0.27 0.56 -19.52
N ALA A 650 -0.01 0.44 -20.82
CA ALA A 650 -0.08 1.56 -21.76
C ALA A 650 -1.51 2.08 -21.92
N GLU A 651 -2.47 1.21 -21.62
CA GLU A 651 -3.90 1.49 -21.80
C GLU A 651 -4.57 1.79 -20.47
N MET A 652 -3.78 1.97 -19.42
CA MET A 652 -4.35 2.15 -18.08
C MET A 652 -4.22 3.58 -17.59
N PHE A 653 -3.75 4.46 -18.46
CA PHE A 653 -3.60 5.86 -18.10
C PHE A 653 -4.96 6.51 -17.87
N GLY A 654 -5.29 6.72 -16.61
CA GLY A 654 -6.55 7.36 -16.28
C GLY A 654 -7.68 6.37 -16.15
N TYR A 655 -7.35 5.13 -15.79
CA TYR A 655 -8.39 4.16 -15.49
C TYR A 655 -9.18 4.63 -14.26
N ALA A 656 -8.48 5.26 -13.32
CA ALA A 656 -9.11 5.68 -12.06
C ALA A 656 -10.40 6.47 -12.26
N THR A 657 -10.39 7.42 -13.18
CA THR A 657 -11.51 8.31 -13.42
C THR A 657 -12.48 7.64 -14.38
N ASP A 658 -11.95 6.75 -15.21
CA ASP A 658 -12.78 6.02 -16.15
C ASP A 658 -13.71 5.05 -15.41
N LEU A 659 -13.15 4.30 -14.47
CA LEU A 659 -13.94 3.41 -13.61
C LEU A 659 -14.98 4.20 -12.84
N ARG A 660 -14.52 5.26 -12.19
CA ARG A 660 -15.34 6.10 -11.36
C ARG A 660 -16.56 6.56 -12.15
N SER A 661 -16.33 6.96 -13.39
CA SER A 661 -17.41 7.45 -14.23
C SER A 661 -18.07 6.34 -15.07
N LYS A 662 -17.96 5.10 -14.62
CA LYS A 662 -18.58 3.98 -15.33
C LYS A 662 -19.18 2.99 -14.33
N THR A 663 -18.91 3.26 -13.05
CA THR A 663 -19.51 2.58 -11.90
C THR A 663 -20.18 3.63 -11.01
N GLN A 664 -20.10 4.87 -11.47
CA GLN A 664 -20.68 6.03 -10.77
C GLN A 664 -20.03 6.33 -9.41
N GLY A 665 -18.70 6.28 -9.38
CA GLY A 665 -17.92 6.65 -8.22
C GLY A 665 -17.53 5.45 -7.39
N ARG A 666 -18.30 4.38 -7.58
CA ARG A 666 -18.31 3.22 -6.67
C ARG A 666 -17.27 2.13 -6.95
N GLY A 667 -16.60 2.21 -8.10
CA GLY A 667 -15.54 1.26 -8.46
C GLY A 667 -14.15 1.58 -7.91
N SER A 668 -13.29 0.57 -7.88
CA SER A 668 -11.91 0.70 -7.39
C SER A 668 -11.08 -0.47 -7.90
N PHE A 669 -9.88 -0.19 -8.37
CA PHE A 669 -9.04 -1.26 -8.94
C PHE A 669 -7.66 -1.35 -8.26
N VAL A 670 -6.98 -2.45 -8.51
CA VAL A 670 -5.59 -2.58 -8.10
C VAL A 670 -4.77 -3.18 -9.25
N MET A 671 -3.62 -2.59 -9.52
CA MET A 671 -2.79 -3.05 -10.61
C MET A 671 -1.50 -3.59 -10.04
N PHE A 672 -1.00 -4.65 -10.64
CA PHE A 672 0.28 -5.16 -10.27
C PHE A 672 0.91 -5.69 -11.56
N PHE A 673 2.21 -5.52 -11.70
CA PHE A 673 2.93 -5.99 -12.90
C PHE A 673 2.90 -7.51 -13.02
N ASP A 674 2.88 -8.01 -14.25
CA ASP A 674 2.88 -9.45 -14.46
C ASP A 674 4.02 -9.91 -15.37
N HIS A 675 4.12 -9.30 -16.54
CA HIS A 675 5.13 -9.73 -17.50
C HIS A 675 5.25 -8.77 -18.65
N TYR A 676 6.24 -9.02 -19.49
CA TYR A 676 6.39 -8.26 -20.71
C TYR A 676 5.83 -9.05 -21.87
N GLN A 677 5.27 -8.35 -22.83
CA GLN A 677 4.73 -9.00 -24.00
C GLN A 677 5.10 -8.17 -25.19
N GLU A 678 5.18 -8.83 -26.35
CA GLU A 678 5.25 -8.13 -27.62
C GLU A 678 4.04 -7.25 -27.80
N VAL A 679 4.28 -6.04 -28.29
CA VAL A 679 3.17 -5.21 -28.73
C VAL A 679 2.61 -5.82 -30.00
N PRO A 680 1.30 -5.62 -30.24
CA PRO A 680 0.64 -5.94 -31.50
C PRO A 680 1.31 -5.19 -32.63
N LYS A 681 1.27 -5.72 -33.84
CA LYS A 681 1.90 -5.06 -34.98
C LYS A 681 1.38 -3.62 -35.11
N GLN A 682 0.12 -3.43 -34.76
CA GLN A 682 -0.55 -2.13 -34.84
C GLN A 682 0.14 -1.06 -34.00
N VAL A 683 0.50 -1.43 -32.77
CA VAL A 683 1.01 -0.48 -31.80
C VAL A 683 2.46 -0.08 -32.06
N GLN A 684 3.23 -1.02 -32.61
CA GLN A 684 4.59 -0.72 -33.01
C GLN A 684 4.56 0.31 -34.13
N GLU A 685 3.91 -0.05 -35.24
CA GLU A 685 3.50 0.89 -36.28
C GLU A 685 2.55 1.91 -35.63
N LYS A 686 3.11 2.82 -34.84
CA LYS A 686 2.30 3.82 -34.12
C LYS A 686 3.18 4.52 -33.08
N LEU A 687 3.89 3.70 -32.30
CA LEU A 687 4.89 4.17 -31.36
C LEU A 687 6.10 4.77 -32.07
N ILE A 688 6.18 4.49 -33.37
CA ILE A 688 7.14 5.18 -34.23
C ILE A 688 6.38 5.96 -35.31
MG MG B . -6.38 13.41 6.31
PB GDP C . -10.41 13.85 5.66
O1B GDP C . -9.89 14.44 4.36
O2B GDP C . -11.28 12.66 5.36
O3B GDP C . -9.21 13.49 6.53
O3A GDP C . -11.34 14.89 6.47
PA GDP C . -10.78 15.93 7.59
O1A GDP C . -9.47 16.57 7.19
O2A GDP C . -10.67 15.27 8.95
O5' GDP C . -11.98 17.00 7.57
C5' GDP C . -12.11 17.88 6.44
C4' GDP C . -13.20 18.89 6.72
O4' GDP C . -14.32 18.20 7.29
C3' GDP C . -12.72 19.91 7.74
O3' GDP C . -13.03 21.26 7.34
C2' GDP C . -13.48 19.58 9.01
O2' GDP C . -13.69 20.74 9.82
C1' GDP C . -14.75 18.92 8.45
N9 GDP C . -15.42 18.07 9.49
C8 GDP C . -14.88 17.03 10.14
N7 GDP C . -15.75 16.49 11.05
C5 GDP C . -16.89 17.22 10.96
C6 GDP C . -18.21 17.21 11.63
O6 GDP C . -18.47 16.35 12.51
N1 GDP C . -19.12 18.14 11.26
C2 GDP C . -18.86 19.08 10.31
N2 GDP C . -19.83 19.98 9.99
N3 GDP C . -17.67 19.15 9.66
C4 GDP C . -16.67 18.26 9.94
#